data_5LWF
#
_entry.id   5LWF
#
_cell.length_a   47.278
_cell.length_b   121.691
_cell.length_c   137.029
_cell.angle_alpha   90.00
_cell.angle_beta   90.00
_cell.angle_gamma   90.00
#
_symmetry.space_group_name_H-M   'P 21 21 21'
#
loop_
_entity.id
_entity.type
_entity.pdbx_description
1 polymer Beta-lactamase
2 polymer 'Camelid heavy-chain antibody variable fragment cAb-G10S'
3 non-polymer 'ACETATE ION'
4 water water
#
loop_
_entity_poly.entity_id
_entity_poly.type
_entity_poly.pdbx_seq_one_letter_code
_entity_poly.pdbx_strand_id
1 'polypeptide(L)'
;TEMKDDFAKLEEQFDAKLGIFALDTGTNRTVAYRPDERFAFASTIKALTVGVLLQQKSIEDLNQRITYTRDDLVNYNPIT
EKHVDTGMTLKELADASLRYSDNAAQNLILKQIGGPESLKKELRKIGDEVTNPERFEPELNEVNPGETQDTSTARALVTS
LRAFALEDPGKLPSEKRELLIDWMKRNTTGDALIRAGVPDGWEVADKTGAASYGTRNDIAIIWPPKGDPVVLAVLSSRDK
KDAKYDDKLIAEATKVVMKALNMNGKGPHHHHH
;
A,B
2 'polypeptide(L)'
;QVQLQESGGGLVQAGGSLRLSCAASGRTFSNDHMGWFRKAPGKEREFVAAITPGTEKTYYADSVKGRFAFSRDNAKNTVY
LQMNSLKPEDTAVYYCVATPYYRGSYYAASTYTYWGQGTQVTVSSHHHHHH
;
C,D
#
# COMPACT_ATOMS: atom_id res chain seq x y z
N LYS A 4 -23.56 10.26 6.32
CA LYS A 4 -23.06 10.94 5.11
C LYS A 4 -21.73 11.67 5.33
N ASP A 5 -21.66 12.51 6.37
CA ASP A 5 -20.42 13.21 6.71
C ASP A 5 -19.36 12.21 7.23
N ASP A 6 -19.80 11.04 7.75
CA ASP A 6 -18.92 9.97 8.21
C ASP A 6 -18.13 9.42 7.03
N PHE A 7 -18.77 9.20 5.87
CA PHE A 7 -18.04 8.71 4.71
C PHE A 7 -17.07 9.75 4.16
N ALA A 8 -17.46 11.04 4.17
CA ALA A 8 -16.59 12.12 3.70
C ALA A 8 -15.34 12.20 4.57
N LYS A 9 -15.51 12.03 5.92
CA LYS A 9 -14.42 12.03 6.89
C LYS A 9 -13.46 10.88 6.60
N LEU A 10 -14.00 9.67 6.32
CA LEU A 10 -13.18 8.49 5.99
C LEU A 10 -12.35 8.73 4.75
N GLU A 11 -12.96 9.29 3.71
CA GLU A 11 -12.31 9.61 2.45
C GLU A 11 -11.08 10.44 2.69
N GLU A 12 -11.23 11.51 3.46
CA GLU A 12 -10.15 12.43 3.80
C GLU A 12 -9.03 11.73 4.57
N GLN A 13 -9.38 10.86 5.53
CA GLN A 13 -8.43 10.12 6.36
C GLN A 13 -7.50 9.21 5.59
N PHE A 14 -7.98 8.69 4.44
CA PHE A 14 -7.24 7.74 3.62
C PHE A 14 -6.84 8.30 2.25
N ASP A 15 -6.98 9.63 2.07
CA ASP A 15 -6.67 10.33 0.82
C ASP A 15 -7.26 9.56 -0.39
N ALA A 16 -8.56 9.24 -0.29
CA ALA A 16 -9.22 8.40 -1.28
C ALA A 16 -10.64 8.86 -1.57
N LYS A 17 -11.25 8.21 -2.56
CA LYS A 17 -12.64 8.46 -2.93
C LYS A 17 -13.38 7.14 -2.75
N LEU A 18 -14.57 7.19 -2.12
CA LEU A 18 -15.39 6.02 -1.86
C LEU A 18 -16.62 5.98 -2.74
N GLY A 19 -17.01 4.76 -3.09
CA GLY A 19 -18.25 4.46 -3.77
C GLY A 19 -18.94 3.37 -2.98
N ILE A 20 -20.11 3.67 -2.38
CA ILE A 20 -20.80 2.72 -1.50
C ILE A 20 -22.26 2.54 -1.84
N PHE A 21 -22.73 1.29 -1.81
CA PHE A 21 -24.14 0.97 -1.92
C PHE A 21 -24.43 -0.28 -1.12
N ALA A 22 -25.42 -0.22 -0.24
CA ALA A 22 -25.79 -1.37 0.59
C ALA A 22 -27.29 -1.44 0.64
N LEU A 23 -27.78 -2.65 0.59
CA LEU A 23 -29.19 -2.92 0.57
C LEU A 23 -29.51 -4.03 1.55
N ASP A 24 -30.38 -3.75 2.52
CA ASP A 24 -30.87 -4.79 3.42
C ASP A 24 -32.02 -5.44 2.66
N THR A 25 -31.88 -6.71 2.30
CA THR A 25 -32.90 -7.38 1.48
C THR A 25 -34.20 -7.69 2.25
N GLY A 26 -34.14 -7.62 3.58
CA GLY A 26 -35.30 -7.86 4.42
C GLY A 26 -36.22 -6.68 4.60
N THR A 27 -35.66 -5.46 4.53
CA THR A 27 -36.45 -4.23 4.72
C THR A 27 -36.39 -3.28 3.53
N ASN A 28 -35.42 -3.50 2.63
CA ASN A 28 -35.09 -2.66 1.49
C ASN A 28 -34.47 -1.34 1.92
N ARG A 29 -34.01 -1.24 3.18
CA ARG A 29 -33.29 -0.05 3.64
C ARG A 29 -31.96 -0.01 2.93
N THR A 30 -31.56 1.20 2.49
CA THR A 30 -30.34 1.39 1.72
C THR A 30 -29.39 2.39 2.38
N VAL A 31 -28.09 2.20 2.11
CA VAL A 31 -27.01 3.10 2.50
C VAL A 31 -26.31 3.42 1.17
N ALA A 32 -26.12 4.70 0.83
CA ALA A 32 -25.48 5.10 -0.42
C ALA A 32 -24.55 6.27 -0.24
N TYR A 33 -23.41 6.23 -0.93
CA TYR A 33 -22.44 7.31 -0.92
C TYR A 33 -21.74 7.22 -2.26
N ARG A 34 -21.99 8.19 -3.17
CA ARG A 34 -21.51 8.18 -4.56
C ARG A 34 -21.86 6.80 -5.19
N PRO A 35 -23.13 6.33 -5.05
CA PRO A 35 -23.47 4.99 -5.51
C PRO A 35 -23.42 4.79 -7.02
N ASP A 36 -23.45 5.90 -7.77
CA ASP A 36 -23.46 5.88 -9.22
C ASP A 36 -22.17 6.38 -9.85
N GLU A 37 -21.11 6.47 -9.04
CA GLU A 37 -19.80 6.89 -9.51
C GLU A 37 -19.03 5.68 -10.04
N ARG A 38 -18.41 5.82 -11.21
CA ARG A 38 -17.63 4.74 -11.80
C ARG A 38 -16.27 4.52 -11.17
N PHE A 39 -15.94 3.24 -10.95
CA PHE A 39 -14.67 2.74 -10.47
C PHE A 39 -14.29 1.54 -11.29
N ALA A 40 -12.98 1.28 -11.46
CA ALA A 40 -12.50 0.05 -12.10
C ALA A 40 -13.04 -1.07 -11.22
N PHE A 41 -13.75 -2.06 -11.80
CA PHE A 41 -14.30 -3.13 -10.97
C PHE A 41 -13.23 -4.12 -10.50
N ALA A 42 -12.10 -4.22 -11.22
CA ALA A 42 -10.98 -5.10 -10.89
C ALA A 42 -11.49 -6.56 -10.73
N SER A 43 -10.93 -7.36 -9.81
CA SER A 43 -11.31 -8.78 -9.69
C SER A 43 -12.73 -9.04 -9.18
N THR A 44 -13.49 -7.98 -8.82
CA THR A 44 -14.89 -8.19 -8.39
C THR A 44 -15.70 -8.79 -9.56
N ILE A 45 -15.23 -8.54 -10.80
CA ILE A 45 -15.87 -9.08 -12.00
C ILE A 45 -15.91 -10.62 -12.00
N LYS A 46 -14.97 -11.26 -11.28
CA LYS A 46 -14.89 -12.71 -11.22
C LYS A 46 -16.17 -13.35 -10.65
N ALA A 47 -16.85 -12.65 -9.72
CA ALA A 47 -18.11 -13.14 -9.14
C ALA A 47 -19.23 -13.11 -10.18
N LEU A 48 -19.29 -12.04 -10.98
CA LEU A 48 -20.32 -11.93 -12.01
C LEU A 48 -20.07 -12.86 -13.16
N THR A 49 -18.79 -13.11 -13.47
CA THR A 49 -18.40 -14.04 -14.53
C THR A 49 -18.86 -15.45 -14.18
N VAL A 50 -18.67 -15.87 -12.91
CA VAL A 50 -19.13 -17.17 -12.45
C VAL A 50 -20.67 -17.22 -12.47
N GLY A 51 -21.33 -16.12 -12.12
CA GLY A 51 -22.79 -16.04 -12.18
C GLY A 51 -23.28 -16.37 -13.58
N VAL A 52 -22.63 -15.81 -14.60
CA VAL A 52 -22.97 -16.03 -16.00
C VAL A 52 -22.65 -17.46 -16.39
N LEU A 53 -21.49 -17.98 -15.97
CA LEU A 53 -21.12 -19.36 -16.23
C LEU A 53 -22.21 -20.30 -15.71
N LEU A 54 -22.69 -20.05 -14.48
CA LEU A 54 -23.73 -20.86 -13.85
C LEU A 54 -25.07 -20.77 -14.57
N GLN A 55 -25.38 -19.67 -15.24
CA GLN A 55 -26.62 -19.57 -16.02
C GLN A 55 -26.52 -20.43 -17.28
N GLN A 56 -25.30 -20.57 -17.82
CA GLN A 56 -25.02 -21.25 -19.08
C GLN A 56 -24.71 -22.74 -18.97
N LYS A 57 -24.32 -23.21 -17.78
CA LYS A 57 -23.92 -24.59 -17.59
C LYS A 57 -24.69 -25.29 -16.51
N SER A 58 -25.01 -26.56 -16.74
CA SER A 58 -25.66 -27.39 -15.73
C SER A 58 -24.58 -27.77 -14.69
N ILE A 59 -25.01 -28.23 -13.51
CA ILE A 59 -24.09 -28.71 -12.46
C ILE A 59 -23.19 -29.82 -13.05
N GLU A 60 -23.79 -30.74 -13.85
CA GLU A 60 -23.08 -31.84 -14.52
C GLU A 60 -22.02 -31.30 -15.48
N ASP A 61 -22.37 -30.25 -16.24
CA ASP A 61 -21.45 -29.66 -17.21
C ASP A 61 -20.29 -28.92 -16.57
N LEU A 62 -20.41 -28.57 -15.28
CA LEU A 62 -19.29 -27.96 -14.54
C LEU A 62 -18.17 -28.96 -14.32
N ASN A 63 -18.48 -30.26 -14.45
CA ASN A 63 -17.48 -31.32 -14.31
C ASN A 63 -16.65 -31.49 -15.59
N GLN A 64 -16.95 -30.72 -16.65
CA GLN A 64 -16.16 -30.82 -17.87
C GLN A 64 -14.75 -30.31 -17.63
N ARG A 65 -13.76 -31.14 -17.96
CA ARG A 65 -12.36 -30.80 -17.78
C ARG A 65 -11.93 -29.87 -18.90
N ILE A 66 -11.24 -28.80 -18.54
CA ILE A 66 -10.74 -27.81 -19.47
C ILE A 66 -9.24 -27.97 -19.54
N THR A 67 -8.72 -28.33 -20.71
CA THR A 67 -7.28 -28.47 -20.89
C THR A 67 -6.71 -27.10 -21.25
N TYR A 68 -5.45 -26.86 -20.87
CA TYR A 68 -4.75 -25.61 -21.11
C TYR A 68 -3.25 -25.87 -21.00
N THR A 69 -2.44 -24.88 -21.38
CA THR A 69 -0.99 -24.99 -21.35
C THR A 69 -0.39 -23.80 -20.65
N ARG A 70 0.96 -23.74 -20.57
CA ARG A 70 1.66 -22.59 -19.98
C ARG A 70 1.37 -21.31 -20.77
N ASP A 71 0.97 -21.44 -22.05
CA ASP A 71 0.64 -20.30 -22.90
C ASP A 71 -0.60 -19.58 -22.40
N ASP A 72 -1.45 -20.26 -21.61
CA ASP A 72 -2.69 -19.70 -21.05
C ASP A 72 -2.47 -18.97 -19.72
N LEU A 73 -1.31 -19.19 -19.09
CA LEU A 73 -0.97 -18.58 -17.82
C LEU A 73 -0.65 -17.10 -17.99
N VAL A 74 -1.05 -16.29 -17.00
CA VAL A 74 -0.83 -14.86 -17.04
C VAL A 74 0.08 -14.44 -15.87
N ASN A 75 -0.18 -13.30 -15.21
CA ASN A 75 0.68 -12.78 -14.15
C ASN A 75 0.48 -13.43 -12.78
N TYR A 76 -0.73 -13.96 -12.52
CA TYR A 76 -1.04 -14.51 -11.22
C TYR A 76 -1.93 -15.73 -11.39
N ASN A 77 -1.35 -16.92 -11.20
CA ASN A 77 -1.97 -18.21 -11.47
C ASN A 77 -1.76 -19.14 -10.27
N PRO A 78 -2.20 -18.78 -9.04
CA PRO A 78 -1.86 -19.59 -7.85
C PRO A 78 -2.28 -21.04 -7.91
N ILE A 79 -3.43 -21.31 -8.49
CA ILE A 79 -3.95 -22.66 -8.60
C ILE A 79 -3.69 -23.26 -9.96
N THR A 80 -3.99 -22.51 -11.01
CA THR A 80 -3.88 -22.97 -12.38
C THR A 80 -2.46 -23.39 -12.77
N GLU A 81 -1.45 -22.75 -12.20
CA GLU A 81 -0.09 -23.16 -12.53
C GLU A 81 0.23 -24.59 -12.10
N LYS A 82 -0.49 -25.11 -11.10
CA LYS A 82 -0.25 -26.46 -10.58
C LYS A 82 -0.91 -27.57 -11.41
N HIS A 83 -1.85 -27.23 -12.29
CA HIS A 83 -2.60 -28.24 -13.02
C HIS A 83 -2.51 -28.17 -14.54
N VAL A 84 -1.42 -27.58 -15.06
CA VAL A 84 -1.18 -27.48 -16.51
C VAL A 84 -1.21 -28.88 -17.19
N ASP A 85 -0.63 -29.88 -16.53
CA ASP A 85 -0.50 -31.26 -16.98
C ASP A 85 -1.82 -32.02 -17.14
N THR A 86 -2.78 -31.77 -16.26
CA THR A 86 -4.06 -32.48 -16.28
C THR A 86 -5.25 -31.66 -16.76
N GLY A 87 -5.18 -30.35 -16.59
CA GLY A 87 -6.31 -29.47 -16.86
C GLY A 87 -7.12 -29.34 -15.58
N MET A 88 -8.18 -28.54 -15.63
CA MET A 88 -9.05 -28.32 -14.48
C MET A 88 -10.49 -28.30 -14.93
N THR A 89 -11.40 -28.79 -14.10
CA THR A 89 -12.81 -28.72 -14.45
C THR A 89 -13.32 -27.28 -14.30
N LEU A 90 -14.46 -26.98 -14.93
CA LEU A 90 -15.07 -25.66 -14.78
C LEU A 90 -15.36 -25.35 -13.30
N LYS A 91 -15.79 -26.38 -12.53
CA LYS A 91 -16.02 -26.25 -11.09
C LYS A 91 -14.71 -25.82 -10.39
N GLU A 92 -13.60 -26.51 -10.71
CA GLU A 92 -12.30 -26.22 -10.10
C GLU A 92 -11.79 -24.83 -10.49
N LEU A 93 -12.02 -24.43 -11.75
CA LEU A 93 -11.61 -23.10 -12.23
C LEU A 93 -12.40 -22.00 -11.52
N ALA A 94 -13.71 -22.22 -11.31
CA ALA A 94 -14.55 -21.26 -10.61
C ALA A 94 -14.09 -21.12 -9.16
N ASP A 95 -13.76 -22.25 -8.51
CA ASP A 95 -13.22 -22.26 -7.15
C ASP A 95 -11.95 -21.41 -7.06
N ALA A 96 -10.99 -21.64 -7.98
CA ALA A 96 -9.72 -20.91 -8.03
C ALA A 96 -9.91 -19.42 -8.28
N SER A 97 -10.80 -19.09 -9.22
CA SER A 97 -11.08 -17.71 -9.56
C SER A 97 -11.68 -16.95 -8.39
N LEU A 98 -12.69 -17.53 -7.74
CA LEU A 98 -13.38 -16.85 -6.66
C LEU A 98 -12.64 -16.83 -5.34
N ARG A 99 -12.04 -17.96 -4.95
CA ARG A 99 -11.40 -18.09 -3.65
C ARG A 99 -9.98 -17.60 -3.59
N TYR A 100 -9.28 -17.68 -4.71
CA TYR A 100 -7.87 -17.26 -4.77
C TYR A 100 -7.63 -16.09 -5.69
N SER A 101 -8.67 -15.65 -6.43
CA SER A 101 -8.54 -14.56 -7.41
C SER A 101 -7.51 -14.95 -8.49
N ASP A 102 -7.53 -16.24 -8.89
CA ASP A 102 -6.64 -16.78 -9.91
C ASP A 102 -7.01 -16.13 -11.24
N ASN A 103 -6.05 -15.41 -11.86
CA ASN A 103 -6.31 -14.67 -13.09
C ASN A 103 -6.48 -15.56 -14.32
N ALA A 104 -5.65 -16.61 -14.49
CA ALA A 104 -5.81 -17.49 -15.65
C ALA A 104 -7.12 -18.25 -15.55
N ALA A 105 -7.56 -18.62 -14.33
CA ALA A 105 -8.85 -19.29 -14.14
C ALA A 105 -9.99 -18.41 -14.66
N GLN A 106 -9.97 -17.10 -14.33
CA GLN A 106 -10.96 -16.14 -14.80
C GLN A 106 -10.95 -16.08 -16.33
N ASN A 107 -9.75 -16.04 -16.93
CA ASN A 107 -9.62 -15.95 -18.37
C ASN A 107 -10.15 -17.17 -19.09
N LEU A 108 -9.92 -18.36 -18.53
CA LEU A 108 -10.42 -19.61 -19.12
C LEU A 108 -11.94 -19.65 -19.05
N ILE A 109 -12.51 -19.25 -17.91
CA ILE A 109 -13.96 -19.17 -17.75
C ILE A 109 -14.52 -18.14 -18.71
N LEU A 110 -13.89 -16.97 -18.80
CA LEU A 110 -14.33 -15.92 -19.71
C LEU A 110 -14.36 -16.43 -21.16
N LYS A 111 -13.34 -17.19 -21.59
CA LYS A 111 -13.30 -17.77 -22.94
C LYS A 111 -14.43 -18.78 -23.11
N GLN A 112 -14.72 -19.58 -22.06
CA GLN A 112 -15.82 -20.55 -22.09
C GLN A 112 -17.19 -19.90 -22.29
N ILE A 113 -17.42 -18.70 -21.71
CA ILE A 113 -18.69 -17.97 -21.82
C ILE A 113 -18.75 -17.03 -23.05
N GLY A 114 -17.70 -17.04 -23.89
CA GLY A 114 -17.65 -16.26 -25.13
C GLY A 114 -16.83 -14.98 -25.15
N GLY A 115 -16.09 -14.73 -24.07
CA GLY A 115 -15.25 -13.55 -23.94
C GLY A 115 -15.91 -12.38 -23.24
N PRO A 116 -15.15 -11.28 -23.05
CA PRO A 116 -15.70 -10.10 -22.35
C PRO A 116 -16.94 -9.51 -22.98
N GLU A 117 -17.04 -9.49 -24.32
CA GLU A 117 -18.21 -8.94 -25.00
C GLU A 117 -19.46 -9.78 -24.73
N SER A 118 -19.28 -11.10 -24.61
CA SER A 118 -20.39 -12.00 -24.29
C SER A 118 -20.80 -11.81 -22.83
N LEU A 119 -19.84 -11.60 -21.92
CA LEU A 119 -20.15 -11.33 -20.52
C LEU A 119 -20.98 -10.05 -20.43
N LYS A 120 -20.59 -9.01 -21.19
CA LYS A 120 -21.32 -7.75 -21.21
C LYS A 120 -22.76 -7.97 -21.66
N LYS A 121 -22.97 -8.72 -22.76
CA LYS A 121 -24.31 -9.02 -23.28
C LYS A 121 -25.17 -9.71 -22.23
N GLU A 122 -24.60 -10.68 -21.51
CA GLU A 122 -25.33 -11.43 -20.51
C GLU A 122 -25.66 -10.58 -19.28
N LEU A 123 -24.80 -9.60 -18.95
CA LEU A 123 -25.07 -8.68 -17.86
C LEU A 123 -26.18 -7.72 -18.26
N ARG A 124 -26.18 -7.24 -19.50
CA ARG A 124 -27.26 -6.38 -20.00
C ARG A 124 -28.60 -7.12 -19.94
N LYS A 125 -28.58 -8.44 -20.27
CA LYS A 125 -29.78 -9.29 -20.24
C LYS A 125 -30.41 -9.38 -18.85
N ILE A 126 -29.59 -9.35 -17.77
CA ILE A 126 -30.12 -9.38 -16.38
C ILE A 126 -30.52 -7.99 -15.87
N GLY A 127 -30.31 -6.96 -16.69
CA GLY A 127 -30.68 -5.59 -16.34
C GLY A 127 -29.55 -4.69 -15.88
N ASP A 128 -28.29 -5.15 -16.01
CA ASP A 128 -27.14 -4.33 -15.63
C ASP A 128 -26.72 -3.51 -16.84
N GLU A 129 -27.09 -2.24 -16.88
CA GLU A 129 -26.79 -1.35 -18.00
C GLU A 129 -25.51 -0.55 -17.76
N VAL A 130 -24.82 -0.78 -16.63
CA VAL A 130 -23.68 0.02 -16.23
C VAL A 130 -22.34 -0.71 -16.31
N THR A 131 -22.25 -1.96 -15.83
CA THR A 131 -20.99 -2.72 -15.83
C THR A 131 -20.46 -2.86 -17.26
N ASN A 132 -19.18 -2.50 -17.49
CA ASN A 132 -18.58 -2.51 -18.83
C ASN A 132 -17.38 -3.46 -18.99
N PRO A 133 -17.61 -4.79 -19.07
CA PRO A 133 -16.49 -5.72 -19.31
C PRO A 133 -15.89 -5.52 -20.69
N GLU A 134 -14.55 -5.46 -20.80
CA GLU A 134 -13.91 -5.22 -22.09
C GLU A 134 -12.66 -6.06 -22.27
N ARG A 135 -11.90 -6.22 -21.19
CA ARG A 135 -10.60 -6.89 -21.23
C ARG A 135 -10.47 -8.13 -20.35
N PHE A 136 -9.42 -8.91 -20.62
CA PHE A 136 -9.06 -10.08 -19.85
C PHE A 136 -8.15 -9.63 -18.71
N GLU A 137 -7.88 -10.56 -17.81
CA GLU A 137 -6.95 -10.33 -16.73
C GLU A 137 -5.53 -10.48 -17.26
N PRO A 138 -4.57 -9.64 -16.81
CA PRO A 138 -4.69 -8.55 -15.82
C PRO A 138 -4.91 -7.16 -16.42
N GLU A 139 -4.96 -7.07 -17.76
CA GLU A 139 -5.10 -5.76 -18.41
C GLU A 139 -6.36 -5.00 -17.99
N LEU A 140 -7.42 -5.70 -17.53
CA LEU A 140 -8.64 -5.03 -17.07
C LEU A 140 -8.42 -4.14 -15.85
N ASN A 141 -7.29 -4.32 -15.15
CA ASN A 141 -6.94 -3.52 -13.98
C ASN A 141 -6.36 -2.15 -14.37
N GLU A 142 -5.94 -2.01 -15.63
CA GLU A 142 -5.35 -0.78 -16.13
C GLU A 142 -6.43 0.20 -16.61
N VAL A 143 -7.02 0.91 -15.66
CA VAL A 143 -8.07 1.89 -15.91
C VAL A 143 -7.62 3.29 -15.50
N ASN A 144 -7.62 4.24 -16.44
CA ASN A 144 -7.27 5.63 -16.16
C ASN A 144 -8.55 6.38 -15.79
N PRO A 145 -8.53 7.31 -14.80
CA PRO A 145 -9.78 8.02 -14.44
C PRO A 145 -10.40 8.75 -15.62
N GLY A 146 -11.72 8.56 -15.76
CA GLY A 146 -12.49 9.11 -16.86
C GLY A 146 -12.91 8.02 -17.81
N GLU A 147 -12.12 6.93 -17.88
CA GLU A 147 -12.42 5.79 -18.74
C GLU A 147 -13.61 5.02 -18.21
N THR A 148 -14.38 4.43 -19.12
CA THR A 148 -15.55 3.62 -18.78
C THR A 148 -15.27 2.14 -18.97
N GLN A 149 -14.23 1.79 -19.73
CA GLN A 149 -13.89 0.40 -19.96
C GLN A 149 -13.44 -0.26 -18.66
N ASP A 150 -14.03 -1.44 -18.38
CA ASP A 150 -13.77 -2.27 -17.21
C ASP A 150 -14.13 -1.55 -15.90
N THR A 151 -15.20 -0.75 -15.94
CA THR A 151 -15.69 -0.05 -14.76
C THR A 151 -17.14 -0.45 -14.47
N SER A 152 -17.58 -0.18 -13.24
CA SER A 152 -18.96 -0.31 -12.82
C SER A 152 -19.19 0.69 -11.69
N THR A 153 -20.35 0.61 -11.04
CA THR A 153 -20.69 1.46 -9.90
C THR A 153 -21.05 0.57 -8.72
N ALA A 154 -21.07 1.15 -7.51
CA ALA A 154 -21.43 0.38 -6.32
C ALA A 154 -22.84 -0.15 -6.45
N ARG A 155 -23.78 0.68 -6.92
CA ARG A 155 -25.17 0.28 -7.09
C ARG A 155 -25.32 -0.87 -8.08
N ALA A 156 -24.64 -0.79 -9.24
CA ALA A 156 -24.75 -1.82 -10.26
C ALA A 156 -24.16 -3.14 -9.81
N LEU A 157 -23.02 -3.10 -9.11
CA LEU A 157 -22.38 -4.31 -8.63
C LEU A 157 -23.23 -5.00 -7.59
N VAL A 158 -23.89 -4.24 -6.69
CA VAL A 158 -24.76 -4.88 -5.71
C VAL A 158 -25.98 -5.49 -6.40
N THR A 159 -26.58 -4.77 -7.36
CA THR A 159 -27.74 -5.24 -8.10
C THR A 159 -27.46 -6.55 -8.82
N SER A 160 -26.29 -6.64 -9.47
CA SER A 160 -25.90 -7.83 -10.22
C SER A 160 -25.54 -8.97 -9.30
N LEU A 161 -24.79 -8.69 -8.25
CA LEU A 161 -24.43 -9.73 -7.28
C LEU A 161 -25.69 -10.32 -6.65
N ARG A 162 -26.63 -9.45 -6.21
CA ARG A 162 -27.91 -9.86 -5.65
C ARG A 162 -28.69 -10.74 -6.65
N ALA A 163 -28.77 -10.32 -7.92
CA ALA A 163 -29.48 -11.05 -8.98
C ALA A 163 -29.00 -12.50 -9.09
N PHE A 164 -27.69 -12.75 -9.02
CA PHE A 164 -27.18 -14.10 -9.14
C PHE A 164 -27.24 -14.90 -7.86
N ALA A 165 -26.90 -14.26 -6.73
CA ALA A 165 -26.76 -14.96 -5.46
C ALA A 165 -28.03 -15.22 -4.69
N LEU A 166 -29.06 -14.35 -4.83
CA LEU A 166 -30.26 -14.49 -4.02
C LEU A 166 -31.51 -14.87 -4.81
N GLU A 167 -32.46 -15.52 -4.11
CA GLU A 167 -33.71 -16.07 -4.63
C GLU A 167 -34.62 -15.03 -5.27
N ASP A 168 -34.53 -13.81 -4.79
CA ASP A 168 -35.16 -12.66 -5.38
C ASP A 168 -34.09 -11.68 -5.73
N PRO A 169 -33.98 -11.30 -7.02
CA PRO A 169 -34.71 -11.83 -8.18
C PRO A 169 -33.78 -12.98 -8.61
N GLY A 170 -34.19 -14.19 -8.37
CA GLY A 170 -33.41 -15.38 -8.65
C GLY A 170 -33.01 -15.57 -10.10
N LYS A 171 -31.82 -15.05 -10.48
CA LYS A 171 -31.29 -15.25 -11.83
C LYS A 171 -30.55 -16.58 -11.97
N LEU A 172 -30.44 -17.33 -10.87
CA LEU A 172 -29.88 -18.67 -10.86
C LEU A 172 -30.83 -19.57 -10.12
N PRO A 173 -30.90 -20.88 -10.46
CA PRO A 173 -31.71 -21.80 -9.64
C PRO A 173 -31.01 -22.04 -8.30
N SER A 174 -31.74 -22.58 -7.30
CA SER A 174 -31.27 -22.78 -5.92
C SER A 174 -29.91 -23.48 -5.78
N GLU A 175 -29.71 -24.62 -6.47
CA GLU A 175 -28.48 -25.41 -6.41
C GLU A 175 -27.29 -24.59 -6.87
N LYS A 176 -27.49 -23.77 -7.90
CA LYS A 176 -26.41 -22.97 -8.46
C LYS A 176 -26.12 -21.74 -7.60
N ARG A 177 -27.16 -21.16 -7.00
CA ARG A 177 -26.99 -20.04 -6.06
C ARG A 177 -26.12 -20.50 -4.91
N GLU A 178 -26.42 -21.71 -4.39
CA GLU A 178 -25.72 -22.32 -3.26
C GLU A 178 -24.24 -22.46 -3.54
N LEU A 179 -23.91 -22.89 -4.78
CA LEU A 179 -22.52 -23.04 -5.19
C LEU A 179 -21.80 -21.71 -5.15
N LEU A 180 -22.38 -20.68 -5.78
CA LEU A 180 -21.79 -19.36 -5.83
C LEU A 180 -21.55 -18.82 -4.41
N ILE A 181 -22.57 -18.92 -3.55
CA ILE A 181 -22.46 -18.45 -2.17
C ILE A 181 -21.37 -19.20 -1.41
N ASP A 182 -21.32 -20.54 -1.55
CA ASP A 182 -20.30 -21.36 -0.89
C ASP A 182 -18.89 -20.95 -1.27
N TRP A 183 -18.64 -20.73 -2.56
CA TRP A 183 -17.32 -20.30 -3.01
C TRP A 183 -16.95 -18.96 -2.41
N MET A 184 -17.87 -17.98 -2.48
CA MET A 184 -17.65 -16.63 -1.96
C MET A 184 -17.47 -16.61 -0.44
N LYS A 185 -18.23 -17.47 0.27
CA LYS A 185 -18.12 -17.59 1.74
C LYS A 185 -16.73 -18.11 2.13
N ARG A 186 -16.14 -18.96 1.26
CA ARG A 186 -14.84 -19.58 1.50
C ARG A 186 -13.70 -18.81 0.81
N ASN A 187 -13.94 -17.53 0.44
CA ASN A 187 -12.90 -16.67 -0.16
C ASN A 187 -11.73 -16.55 0.80
N THR A 188 -10.49 -16.56 0.27
CA THR A 188 -9.29 -16.45 1.10
C THR A 188 -8.66 -15.05 1.07
N THR A 189 -9.13 -14.17 0.18
CA THR A 189 -8.46 -12.88 -0.02
C THR A 189 -9.07 -11.62 0.68
N GLY A 190 -10.21 -11.77 1.36
CA GLY A 190 -10.90 -10.62 1.92
C GLY A 190 -10.97 -10.41 3.41
N ASP A 191 -10.09 -11.05 4.17
CA ASP A 191 -10.12 -10.98 5.63
C ASP A 191 -9.93 -9.57 6.24
N ALA A 192 -9.23 -8.67 5.53
CA ALA A 192 -8.97 -7.32 6.03
C ALA A 192 -9.95 -6.26 5.48
N LEU A 193 -10.92 -6.71 4.66
CA LEU A 193 -11.88 -5.81 4.01
C LEU A 193 -13.26 -5.86 4.69
N ILE A 194 -14.34 -6.19 3.95
CA ILE A 194 -15.68 -6.21 4.53
C ILE A 194 -15.75 -7.09 5.77
N ARG A 195 -15.07 -8.26 5.75
CA ARG A 195 -15.03 -9.19 6.88
C ARG A 195 -14.57 -8.53 8.18
N ALA A 196 -13.61 -7.59 8.07
CA ALA A 196 -13.05 -6.87 9.22
C ALA A 196 -13.96 -5.75 9.76
N GLY A 197 -15.06 -5.43 9.07
CA GLY A 197 -15.98 -4.39 9.49
C GLY A 197 -17.37 -4.86 9.87
N VAL A 198 -17.61 -6.17 9.84
CA VAL A 198 -18.91 -6.75 10.20
C VAL A 198 -18.78 -7.36 11.60
N PRO A 199 -19.84 -7.39 12.45
CA PRO A 199 -19.66 -7.98 13.78
C PRO A 199 -19.38 -9.47 13.72
N ASP A 200 -18.70 -10.01 14.75
CA ASP A 200 -18.40 -11.44 14.78
C ASP A 200 -19.72 -12.22 14.86
N GLY A 201 -19.78 -13.37 14.20
CA GLY A 201 -21.00 -14.16 14.17
C GLY A 201 -21.82 -13.96 12.90
N TRP A 202 -21.64 -12.82 12.21
CA TRP A 202 -22.31 -12.56 10.93
C TRP A 202 -21.51 -13.27 9.85
N GLU A 203 -22.20 -13.95 8.93
CA GLU A 203 -21.50 -14.67 7.87
C GLU A 203 -21.26 -13.77 6.68
N VAL A 204 -20.12 -13.95 5.98
CA VAL A 204 -19.75 -13.10 4.86
C VAL A 204 -19.37 -13.92 3.63
N ALA A 205 -19.88 -13.51 2.47
CA ALA A 205 -19.54 -14.09 1.18
C ALA A 205 -19.09 -12.91 0.32
N ASP A 206 -17.77 -12.80 0.08
CA ASP A 206 -17.24 -11.63 -0.63
C ASP A 206 -16.32 -11.95 -1.81
N LYS A 207 -16.05 -10.92 -2.62
CA LYS A 207 -15.05 -10.96 -3.68
C LYS A 207 -14.33 -9.63 -3.71
N THR A 208 -13.00 -9.69 -3.63
CA THR A 208 -12.12 -8.52 -3.61
C THR A 208 -11.62 -8.14 -4.97
N GLY A 209 -11.02 -6.95 -5.06
CA GLY A 209 -10.35 -6.48 -6.25
C GLY A 209 -9.40 -5.34 -5.94
N ALA A 210 -8.36 -5.21 -6.75
CA ALA A 210 -7.38 -4.12 -6.66
C ALA A 210 -6.95 -3.79 -8.06
N ALA A 211 -6.84 -2.49 -8.37
CA ALA A 211 -6.46 -2.03 -9.70
C ALA A 211 -5.64 -0.73 -9.66
N SER A 212 -5.31 -0.16 -10.85
CA SER A 212 -4.52 1.06 -10.98
C SER A 212 -5.17 2.24 -10.25
N TYR A 213 -4.37 3.30 -9.96
CA TYR A 213 -4.84 4.49 -9.23
C TYR A 213 -5.32 4.14 -7.81
N GLY A 214 -4.61 3.19 -7.18
CA GLY A 214 -4.90 2.74 -5.82
C GLY A 214 -6.31 2.24 -5.61
N THR A 215 -6.90 1.61 -6.64
CA THR A 215 -8.27 1.07 -6.57
C THR A 215 -8.30 -0.15 -5.65
N ARG A 216 -9.24 -0.15 -4.71
CA ARG A 216 -9.39 -1.26 -3.77
C ARG A 216 -10.87 -1.46 -3.52
N ASN A 217 -11.38 -2.63 -3.90
CA ASN A 217 -12.81 -2.93 -3.84
C ASN A 217 -13.14 -4.22 -3.11
N ASP A 218 -14.38 -4.31 -2.65
CA ASP A 218 -14.93 -5.54 -2.07
C ASP A 218 -16.42 -5.50 -2.22
N ILE A 219 -16.99 -6.60 -2.70
CA ILE A 219 -18.44 -6.77 -2.85
C ILE A 219 -18.82 -7.99 -2.04
N ALA A 220 -19.95 -7.94 -1.34
CA ALA A 220 -20.33 -9.06 -0.50
C ALA A 220 -21.81 -9.19 -0.25
N ILE A 221 -22.18 -10.40 0.17
CA ILE A 221 -23.47 -10.73 0.75
C ILE A 221 -23.11 -11.06 2.19
N ILE A 222 -23.81 -10.43 3.15
CA ILE A 222 -23.56 -10.62 4.58
C ILE A 222 -24.87 -11.05 5.27
N TRP A 223 -24.78 -12.03 6.18
CA TRP A 223 -25.95 -12.54 6.87
C TRP A 223 -25.91 -12.30 8.37
N PRO A 224 -27.02 -11.79 8.92
CA PRO A 224 -27.10 -11.68 10.38
C PRO A 224 -27.25 -13.08 11.01
N PRO A 225 -26.95 -13.33 12.31
CA PRO A 225 -27.17 -14.69 12.86
C PRO A 225 -28.61 -15.19 12.59
N LYS A 226 -29.60 -14.27 12.61
CA LYS A 226 -31.02 -14.51 12.32
C LYS A 226 -31.61 -13.42 11.39
N GLY A 227 -32.21 -13.84 10.28
CA GLY A 227 -32.82 -12.89 9.35
C GLY A 227 -32.22 -12.84 7.96
N ASP A 228 -32.66 -11.82 7.21
CA ASP A 228 -32.32 -11.59 5.81
C ASP A 228 -30.96 -10.96 5.55
N PRO A 229 -30.33 -11.32 4.42
CA PRO A 229 -29.01 -10.77 4.14
C PRO A 229 -28.95 -9.33 3.68
N VAL A 230 -27.76 -8.74 3.80
CA VAL A 230 -27.41 -7.42 3.29
C VAL A 230 -26.48 -7.65 2.10
N VAL A 231 -26.70 -6.92 1.00
CA VAL A 231 -25.79 -6.98 -0.15
C VAL A 231 -25.10 -5.61 -0.20
N LEU A 232 -23.75 -5.59 -0.24
CA LEU A 232 -23.06 -4.30 -0.29
C LEU A 232 -21.81 -4.31 -1.17
N ALA A 233 -21.48 -3.13 -1.69
CA ALA A 233 -20.27 -2.89 -2.45
C ALA A 233 -19.57 -1.70 -1.87
N VAL A 234 -18.29 -1.86 -1.60
CA VAL A 234 -17.42 -0.80 -1.10
C VAL A 234 -16.28 -0.69 -2.11
N LEU A 235 -16.28 0.41 -2.87
CA LEU A 235 -15.27 0.66 -3.89
C LEU A 235 -14.49 1.89 -3.51
N SER A 236 -13.22 1.92 -3.90
CA SER A 236 -12.36 3.05 -3.60
C SER A 236 -11.26 3.25 -4.62
N SER A 237 -10.79 4.49 -4.78
CA SER A 237 -9.68 4.83 -5.67
C SER A 237 -9.00 6.11 -5.21
N ARG A 238 -7.86 6.42 -5.83
CA ARG A 238 -7.05 7.57 -5.48
C ARG A 238 -6.66 8.37 -6.73
N ASP A 239 -6.07 9.57 -6.54
CA ASP A 239 -5.75 10.46 -7.66
C ASP A 239 -4.54 10.10 -8.51
N LYS A 240 -3.51 9.46 -7.92
CA LYS A 240 -2.28 9.15 -8.67
C LYS A 240 -2.21 7.71 -9.12
N LYS A 241 -1.65 7.50 -10.32
CA LYS A 241 -1.55 6.19 -10.97
C LYS A 241 -0.93 5.11 -10.09
N ASP A 242 0.20 5.45 -9.45
CA ASP A 242 0.97 4.54 -8.64
C ASP A 242 0.63 4.63 -7.14
N ALA A 243 -0.60 5.03 -6.82
CA ALA A 243 -1.02 5.13 -5.43
C ALA A 243 -1.19 3.75 -4.81
N LYS A 244 -0.91 3.64 -3.52
CA LYS A 244 -1.13 2.41 -2.77
C LYS A 244 -2.52 2.47 -2.15
N TYR A 245 -3.03 1.33 -1.65
CA TYR A 245 -4.32 1.26 -0.99
C TYR A 245 -4.16 0.82 0.46
N ASP A 246 -5.22 1.01 1.24
CA ASP A 246 -5.27 0.59 2.62
C ASP A 246 -6.61 -0.11 2.84
N ASP A 247 -6.55 -1.42 3.13
CA ASP A 247 -7.72 -2.26 3.40
C ASP A 247 -8.56 -1.72 4.53
N LYS A 248 -7.91 -1.01 5.48
CA LYS A 248 -8.59 -0.40 6.61
C LYS A 248 -9.70 0.56 6.15
N LEU A 249 -9.54 1.23 5.01
CA LEU A 249 -10.59 2.13 4.51
C LEU A 249 -11.88 1.36 4.27
N ILE A 250 -11.77 0.17 3.68
CA ILE A 250 -12.93 -0.65 3.38
C ILE A 250 -13.57 -1.19 4.66
N ALA A 251 -12.75 -1.68 5.58
CA ALA A 251 -13.23 -2.20 6.85
C ALA A 251 -13.97 -1.11 7.64
N GLU A 252 -13.40 0.11 7.68
CA GLU A 252 -14.01 1.23 8.38
C GLU A 252 -15.28 1.67 7.71
N ALA A 253 -15.30 1.70 6.35
CA ALA A 253 -16.53 2.08 5.64
C ALA A 253 -17.65 1.07 5.91
N THR A 254 -17.29 -0.22 6.04
CA THR A 254 -18.23 -1.29 6.38
C THR A 254 -18.83 -1.05 7.76
N LYS A 255 -18.01 -0.64 8.72
CA LYS A 255 -18.50 -0.34 10.06
C LYS A 255 -19.54 0.78 10.04
N VAL A 256 -19.33 1.81 9.20
CA VAL A 256 -20.27 2.93 9.07
C VAL A 256 -21.59 2.43 8.51
N VAL A 257 -21.53 1.61 7.45
CA VAL A 257 -22.70 1.01 6.82
C VAL A 257 -23.53 0.24 7.82
N MET A 258 -22.88 -0.61 8.63
CA MET A 258 -23.55 -1.46 9.61
C MET A 258 -24.29 -0.66 10.67
N LYS A 259 -23.70 0.47 11.09
CA LYS A 259 -24.31 1.38 12.07
C LYS A 259 -25.56 1.99 11.45
N ALA A 260 -25.45 2.43 10.19
CA ALA A 260 -26.54 3.05 9.44
C ALA A 260 -27.70 2.10 9.23
N LEU A 261 -27.40 0.81 9.02
CA LEU A 261 -28.44 -0.20 8.81
C LEU A 261 -29.10 -0.70 10.10
N ASN A 262 -28.39 -0.67 11.25
CA ASN A 262 -28.91 -1.18 12.51
C ASN A 262 -29.46 -0.10 13.44
N ASP B 5 -5.72 9.34 41.90
CA ASP B 5 -6.01 7.92 41.97
C ASP B 5 -6.77 7.43 40.73
N ASP B 6 -7.47 8.36 40.04
CA ASP B 6 -8.19 8.08 38.81
C ASP B 6 -7.23 7.66 37.71
N PHE B 7 -6.07 8.34 37.58
CA PHE B 7 -5.07 7.95 36.58
C PHE B 7 -4.43 6.61 36.91
N ALA B 8 -4.17 6.34 38.20
CA ALA B 8 -3.59 5.07 38.64
C ALA B 8 -4.53 3.91 38.31
N LYS B 9 -5.86 4.13 38.51
CA LYS B 9 -6.91 3.15 38.21
C LYS B 9 -6.91 2.84 36.71
N LEU B 10 -6.84 3.89 35.85
CA LEU B 10 -6.81 3.74 34.40
C LEU B 10 -5.63 2.91 33.95
N GLU B 11 -4.43 3.21 34.50
CA GLU B 11 -3.19 2.51 34.21
C GLU B 11 -3.36 1.02 34.40
N GLU B 12 -3.90 0.63 35.56
CA GLU B 12 -4.14 -0.76 35.94
C GLU B 12 -5.12 -1.43 34.98
N GLN B 13 -6.21 -0.73 34.61
CA GLN B 13 -7.26 -1.23 33.71
C GLN B 13 -6.78 -1.64 32.33
N PHE B 14 -5.77 -0.98 31.78
CA PHE B 14 -5.32 -1.33 30.45
C PHE B 14 -3.85 -1.74 30.42
N ASP B 15 -3.29 -2.16 31.59
CA ASP B 15 -1.93 -2.68 31.74
C ASP B 15 -0.92 -1.74 31.06
N ALA B 16 -0.96 -0.45 31.44
CA ALA B 16 -0.11 0.56 30.84
C ALA B 16 0.44 1.55 31.86
N LYS B 17 1.44 2.35 31.42
CA LYS B 17 2.13 3.42 32.16
C LYS B 17 1.69 4.75 31.55
N LEU B 18 1.13 5.66 32.38
CA LEU B 18 0.60 6.96 31.96
C LEU B 18 1.56 8.13 32.21
N GLY B 19 1.47 9.12 31.34
CA GLY B 19 2.26 10.35 31.37
C GLY B 19 1.45 11.52 30.86
N ILE B 20 0.92 12.32 31.80
CA ILE B 20 0.04 13.45 31.50
C ILE B 20 0.53 14.79 32.06
N PHE B 21 0.44 15.85 31.24
CA PHE B 21 0.65 17.24 31.64
C PHE B 21 -0.33 18.10 30.89
N ALA B 22 -1.11 18.87 31.64
CA ALA B 22 -2.11 19.79 31.12
C ALA B 22 -1.86 21.16 31.72
N LEU B 23 -2.10 22.21 30.92
CA LEU B 23 -1.97 23.58 31.37
C LEU B 23 -3.10 24.42 30.79
N ASP B 24 -3.92 25.03 31.66
CA ASP B 24 -4.94 25.96 31.20
C ASP B 24 -4.20 27.30 31.07
N THR B 25 -4.02 27.82 29.83
CA THR B 25 -3.28 29.07 29.60
C THR B 25 -3.97 30.34 30.14
N GLY B 26 -5.25 30.21 30.51
CA GLY B 26 -6.05 31.32 31.02
C GLY B 26 -5.94 31.51 32.52
N THR B 27 -5.70 30.42 33.26
CA THR B 27 -5.60 30.46 34.73
C THR B 27 -4.25 29.95 35.25
N ASN B 28 -3.52 29.24 34.40
CA ASN B 28 -2.26 28.55 34.69
C ASN B 28 -2.48 27.34 35.59
N ARG B 29 -3.73 26.87 35.70
CA ARG B 29 -4.05 25.65 36.46
C ARG B 29 -3.47 24.48 35.69
N THR B 30 -2.87 23.54 36.42
CA THR B 30 -2.21 22.38 35.82
C THR B 30 -2.76 21.05 36.34
N VAL B 31 -2.69 20.02 35.48
CA VAL B 31 -3.03 18.63 35.79
C VAL B 31 -1.76 17.86 35.41
N ALA B 32 -1.23 17.04 36.33
CA ALA B 32 0.00 16.29 36.10
C ALA B 32 -0.07 14.90 36.68
N TYR B 33 0.50 13.94 35.95
CA TYR B 33 0.61 12.54 36.37
C TYR B 33 1.82 11.99 35.67
N ARG B 34 2.91 11.74 36.44
CA ARG B 34 4.23 11.33 35.93
C ARG B 34 4.63 12.34 34.81
N PRO B 35 4.54 13.68 35.07
CA PRO B 35 4.79 14.65 33.98
C PRO B 35 6.22 14.71 33.50
N ASP B 36 7.15 14.16 34.30
CA ASP B 36 8.58 14.20 34.00
C ASP B 36 9.13 12.82 33.67
N GLU B 37 8.25 11.86 33.37
CA GLU B 37 8.64 10.51 32.99
C GLU B 37 8.87 10.46 31.48
N ARG B 38 9.98 9.85 31.06
CA ARG B 38 10.31 9.73 29.65
C ARG B 38 9.52 8.65 28.91
N PHE B 39 9.05 9.02 27.72
CA PHE B 39 8.35 8.16 26.77
C PHE B 39 8.89 8.46 25.39
N ALA B 40 8.86 7.48 24.48
CA ALA B 40 9.26 7.68 23.10
C ALA B 40 8.29 8.72 22.55
N PHE B 41 8.81 9.83 21.99
CA PHE B 41 7.92 10.88 21.49
C PHE B 41 7.14 10.45 20.23
N ALA B 42 7.65 9.44 19.50
CA ALA B 42 7.05 8.88 18.27
C ALA B 42 6.75 9.98 17.24
N SER B 43 5.59 9.93 16.57
CA SER B 43 5.20 10.90 15.53
C SER B 43 4.78 12.29 16.05
N THR B 44 4.76 12.53 17.40
CA THR B 44 4.44 13.84 17.98
C THR B 44 5.55 14.85 17.64
N ILE B 45 6.77 14.36 17.38
CA ILE B 45 7.92 15.17 16.99
C ILE B 45 7.67 15.97 15.70
N LYS B 46 6.76 15.48 14.84
CA LYS B 46 6.42 16.12 13.58
C LYS B 46 5.91 17.55 13.77
N ALA B 47 5.19 17.80 14.88
CA ALA B 47 4.67 19.13 15.21
C ALA B 47 5.81 20.09 15.56
N LEU B 48 6.79 19.63 16.35
CA LEU B 48 7.94 20.43 16.75
C LEU B 48 8.90 20.66 15.59
N THR B 49 8.99 19.69 14.67
CA THR B 49 9.84 19.78 13.47
C THR B 49 9.31 20.89 12.57
N VAL B 50 7.98 20.95 12.39
CA VAL B 50 7.35 22.01 11.59
C VAL B 50 7.53 23.37 12.27
N GLY B 51 7.46 23.39 13.62
CA GLY B 51 7.69 24.60 14.40
C GLY B 51 9.06 25.19 14.09
N VAL B 52 10.08 24.33 14.03
CA VAL B 52 11.45 24.73 13.73
C VAL B 52 11.57 25.16 12.27
N LEU B 53 10.93 24.41 11.35
CA LEU B 53 10.90 24.78 9.93
C LEU B 53 10.35 26.20 9.77
N LEU B 54 9.23 26.50 10.48
CA LEU B 54 8.59 27.82 10.43
C LEU B 54 9.47 28.93 11.01
N GLN B 55 10.36 28.63 11.95
CA GLN B 55 11.27 29.64 12.48
C GLN B 55 12.35 29.98 11.45
N GLN B 56 12.71 28.99 10.63
CA GLN B 56 13.79 29.09 9.65
C GLN B 56 13.39 29.55 8.26
N LYS B 57 12.10 29.45 7.92
CA LYS B 57 11.60 29.79 6.60
C LYS B 57 10.50 30.83 6.61
N SER B 58 10.51 31.73 5.63
CA SER B 58 9.45 32.71 5.44
C SER B 58 8.26 31.97 4.80
N ILE B 59 7.06 32.58 4.83
CA ILE B 59 5.85 32.01 4.20
C ILE B 59 6.15 31.79 2.70
N GLU B 60 6.83 32.76 2.05
CA GLU B 60 7.23 32.70 0.64
C GLU B 60 8.18 31.52 0.39
N ASP B 61 9.13 31.29 1.30
CA ASP B 61 10.10 30.21 1.16
C ASP B 61 9.48 28.82 1.34
N LEU B 62 8.29 28.75 1.96
CA LEU B 62 7.56 27.48 2.09
C LEU B 62 7.06 27.01 0.72
N ASN B 63 7.00 27.93 -0.26
CA ASN B 63 6.59 27.59 -1.64
C ASN B 63 7.72 26.95 -2.43
N GLN B 64 8.93 26.81 -1.84
CA GLN B 64 10.03 26.18 -2.54
C GLN B 64 9.74 24.70 -2.74
N ARG B 65 9.83 24.24 -4.00
CA ARG B 65 9.58 22.86 -4.36
C ARG B 65 10.80 22.02 -3.99
N ILE B 66 10.54 20.89 -3.34
CA ILE B 66 11.57 19.95 -2.91
C ILE B 66 11.46 18.73 -3.80
N THR B 67 12.50 18.44 -4.57
CA THR B 67 12.51 17.25 -5.42
C THR B 67 13.03 16.08 -4.61
N TYR B 68 12.56 14.87 -4.96
CA TYR B 68 12.92 13.63 -4.30
C TYR B 68 12.60 12.47 -5.24
N THR B 69 13.03 11.25 -4.88
CA THR B 69 12.82 10.05 -5.68
C THR B 69 12.24 8.94 -4.80
N ARG B 70 12.02 7.75 -5.39
CA ARG B 70 11.55 6.57 -4.65
C ARG B 70 12.56 6.17 -3.57
N ASP B 71 13.84 6.53 -3.75
CA ASP B 71 14.91 6.23 -2.80
C ASP B 71 14.72 6.99 -1.48
N ASP B 72 13.95 8.08 -1.48
CA ASP B 72 13.66 8.90 -0.31
C ASP B 72 12.45 8.40 0.51
N LEU B 73 11.63 7.54 -0.11
CA LEU B 73 10.45 6.99 0.54
C LEU B 73 10.85 5.96 1.58
N VAL B 74 10.07 5.87 2.66
CA VAL B 74 10.33 4.94 3.76
C VAL B 74 9.16 3.95 3.88
N ASN B 75 8.72 3.61 5.11
CA ASN B 75 7.68 2.62 5.35
C ASN B 75 6.25 3.14 5.16
N TYR B 76 6.02 4.43 5.37
CA TYR B 76 4.68 5.01 5.31
C TYR B 76 4.75 6.38 4.66
N ASN B 77 4.32 6.46 3.40
CA ASN B 77 4.41 7.64 2.55
C ASN B 77 3.04 7.91 1.89
N PRO B 78 1.95 8.16 2.67
CA PRO B 78 0.62 8.29 2.05
C PRO B 78 0.46 9.37 0.98
N ILE B 79 0.96 10.58 1.24
CA ILE B 79 0.82 11.70 0.31
C ILE B 79 2.00 11.78 -0.65
N THR B 80 3.22 11.75 -0.10
CA THR B 80 4.48 11.88 -0.82
C THR B 80 4.77 10.74 -1.84
N GLU B 81 4.06 9.60 -1.77
CA GLU B 81 4.27 8.52 -2.74
C GLU B 81 3.62 8.87 -4.09
N LYS B 82 2.71 9.86 -4.06
CA LYS B 82 1.94 10.32 -5.22
C LYS B 82 2.64 11.44 -6.00
N HIS B 83 3.67 12.06 -5.42
CA HIS B 83 4.31 13.22 -6.04
C HIS B 83 5.81 13.07 -6.32
N VAL B 84 6.29 11.83 -6.44
CA VAL B 84 7.70 11.54 -6.76
C VAL B 84 8.16 12.24 -8.05
N ASP B 85 7.28 12.25 -9.07
CA ASP B 85 7.49 12.82 -10.39
C ASP B 85 7.68 14.34 -10.43
N THR B 86 6.96 15.07 -9.59
CA THR B 86 7.00 16.54 -9.57
C THR B 86 7.73 17.16 -8.38
N GLY B 87 7.76 16.45 -7.26
CA GLY B 87 8.28 16.97 -6.02
C GLY B 87 7.15 17.62 -5.26
N MET B 88 7.42 18.14 -4.06
CA MET B 88 6.42 18.78 -3.23
C MET B 88 7.01 20.02 -2.58
N THR B 89 6.20 21.06 -2.40
CA THR B 89 6.70 22.25 -1.71
C THR B 89 6.83 21.97 -0.22
N LEU B 90 7.61 22.81 0.48
CA LEU B 90 7.75 22.68 1.93
C LEU B 90 6.39 22.79 2.62
N LYS B 91 5.49 23.67 2.12
CA LYS B 91 4.13 23.81 2.62
C LYS B 91 3.37 22.49 2.48
N GLU B 92 3.46 21.85 1.30
CA GLU B 92 2.79 20.58 1.01
C GLU B 92 3.33 19.44 1.87
N LEU B 93 4.66 19.43 2.07
CA LEU B 93 5.31 18.43 2.90
C LEU B 93 4.89 18.56 4.36
N ALA B 94 4.78 19.80 4.87
CA ALA B 94 4.36 20.06 6.24
C ALA B 94 2.92 19.61 6.43
N ASP B 95 2.05 19.88 5.44
CA ASP B 95 0.65 19.45 5.45
C ASP B 95 0.57 17.91 5.57
N ALA B 96 1.33 17.19 4.72
CA ALA B 96 1.37 15.72 4.70
C ALA B 96 1.89 15.16 6.03
N SER B 97 2.99 15.74 6.55
CA SER B 97 3.65 15.33 7.80
C SER B 97 2.74 15.51 9.02
N LEU B 98 1.98 16.61 9.09
CA LEU B 98 1.11 16.89 10.23
C LEU B 98 -0.26 16.25 10.17
N ARG B 99 -0.90 16.31 8.99
CA ARG B 99 -2.27 15.82 8.83
C ARG B 99 -2.39 14.34 8.58
N TYR B 100 -1.37 13.76 7.93
CA TYR B 100 -1.40 12.34 7.58
C TYR B 100 -0.32 11.53 8.28
N SER B 101 0.60 12.20 9.01
CA SER B 101 1.73 11.57 9.68
C SER B 101 2.63 10.86 8.64
N ASP B 102 2.79 11.50 7.46
CA ASP B 102 3.61 11.00 6.35
C ASP B 102 5.06 10.98 6.83
N ASN B 103 5.68 9.80 6.85
CA ASN B 103 7.03 9.64 7.35
C ASN B 103 8.13 10.21 6.44
N ALA B 104 8.02 10.02 5.11
CA ALA B 104 9.02 10.59 4.20
C ALA B 104 8.94 12.10 4.21
N ALA B 105 7.73 12.69 4.34
CA ALA B 105 7.56 14.14 4.44
C ALA B 105 8.34 14.69 5.64
N GLN B 106 8.24 14.01 6.81
CA GLN B 106 8.97 14.37 8.03
C GLN B 106 10.47 14.34 7.79
N ASN B 107 11.00 13.25 7.19
CA ASN B 107 12.43 13.11 6.90
C ASN B 107 12.91 14.16 5.91
N LEU B 108 12.06 14.54 4.94
CA LEU B 108 12.39 15.57 3.95
C LEU B 108 12.49 16.95 4.61
N ILE B 109 11.61 17.25 5.59
CA ILE B 109 11.65 18.51 6.38
C ILE B 109 12.88 18.44 7.29
N LEU B 110 13.12 17.27 7.92
CA LEU B 110 14.26 17.05 8.80
C LEU B 110 15.57 17.38 8.11
N LYS B 111 15.76 16.89 6.87
CA LYS B 111 16.97 17.16 6.09
C LYS B 111 17.08 18.65 5.78
N GLN B 112 15.94 19.30 5.47
CA GLN B 112 15.90 20.74 5.17
C GLN B 112 16.33 21.60 6.36
N ILE B 113 16.01 21.19 7.61
CA ILE B 113 16.36 21.94 8.82
C ILE B 113 17.74 21.51 9.40
N GLY B 114 18.44 20.59 8.72
CA GLY B 114 19.77 20.14 9.12
C GLY B 114 19.90 18.79 9.81
N GLY B 115 18.80 18.04 9.87
CA GLY B 115 18.76 16.72 10.49
C GLY B 115 18.31 16.71 11.93
N PRO B 116 18.20 15.51 12.54
CA PRO B 116 17.79 15.41 13.95
C PRO B 116 18.66 16.17 14.94
N GLU B 117 19.99 16.21 14.74
CA GLU B 117 20.88 16.94 15.64
C GLU B 117 20.63 18.44 15.59
N SER B 118 20.28 18.97 14.41
CA SER B 118 19.95 20.37 14.25
C SER B 118 18.60 20.66 14.90
N LEU B 119 17.63 19.74 14.79
CA LEU B 119 16.33 19.89 15.45
C LEU B 119 16.55 19.98 16.96
N LYS B 120 17.42 19.10 17.51
CA LYS B 120 17.74 19.10 18.94
C LYS B 120 18.30 20.46 19.36
N LYS B 121 19.29 20.99 18.61
CA LYS B 121 19.90 22.29 18.89
C LYS B 121 18.85 23.40 18.94
N GLU B 122 17.93 23.40 17.97
CA GLU B 122 16.89 24.42 17.89
C GLU B 122 15.86 24.30 19.01
N LEU B 123 15.62 23.07 19.50
CA LEU B 123 14.72 22.87 20.63
C LEU B 123 15.39 23.36 21.90
N ARG B 124 16.71 23.10 22.07
CA ARG B 124 17.45 23.61 23.23
C ARG B 124 17.42 25.14 23.25
N LYS B 125 17.52 25.77 22.06
CA LYS B 125 17.49 27.22 21.91
C LYS B 125 16.16 27.84 22.41
N ILE B 126 15.03 27.13 22.26
CA ILE B 126 13.73 27.63 22.76
C ILE B 126 13.50 27.30 24.24
N GLY B 127 14.44 26.60 24.86
CA GLY B 127 14.36 26.24 26.27
C GLY B 127 13.92 24.82 26.57
N ASP B 128 13.86 23.96 25.54
CA ASP B 128 13.50 22.56 25.70
C ASP B 128 14.79 21.75 25.95
N GLU B 129 15.06 21.44 27.23
CA GLU B 129 16.27 20.72 27.64
C GLU B 129 16.05 19.19 27.78
N VAL B 130 14.81 18.68 27.51
CA VAL B 130 14.53 17.25 27.70
C VAL B 130 14.27 16.48 26.39
N THR B 131 13.58 17.07 25.39
CA THR B 131 13.31 16.36 24.13
C THR B 131 14.63 15.96 23.45
N ASN B 132 14.78 14.66 23.09
CA ASN B 132 16.03 14.15 22.53
C ASN B 132 15.90 13.58 21.10
N PRO B 133 15.77 14.45 20.07
CA PRO B 133 15.71 13.93 18.69
C PRO B 133 17.04 13.30 18.28
N GLU B 134 17.01 12.12 17.66
CA GLU B 134 18.24 11.43 17.27
C GLU B 134 18.13 10.76 15.92
N ARG B 135 16.95 10.19 15.63
CA ARG B 135 16.75 9.40 14.42
C ARG B 135 15.65 9.90 13.48
N PHE B 136 15.68 9.37 12.26
CA PHE B 136 14.70 9.64 11.23
C PHE B 136 13.53 8.66 11.39
N GLU B 137 12.42 8.95 10.68
CA GLU B 137 11.23 8.10 10.64
C GLU B 137 11.50 6.95 9.66
N PRO B 138 11.19 5.67 10.01
CA PRO B 138 10.49 5.20 11.22
C PRO B 138 11.35 4.69 12.38
N GLU B 139 12.69 4.62 12.24
CA GLU B 139 13.58 4.09 13.29
C GLU B 139 13.45 4.82 14.63
N LEU B 140 13.00 6.09 14.65
CA LEU B 140 12.80 6.83 15.90
C LEU B 140 11.73 6.21 16.81
N ASN B 141 10.89 5.31 16.25
CA ASN B 141 9.85 4.62 16.99
C ASN B 141 10.41 3.43 17.78
N GLU B 142 11.63 2.98 17.43
CA GLU B 142 12.28 1.85 18.09
C GLU B 142 13.04 2.30 19.34
N VAL B 143 12.30 2.44 20.44
CA VAL B 143 12.85 2.87 21.72
C VAL B 143 12.64 1.77 22.78
N ASN B 144 13.73 1.30 23.38
CA ASN B 144 13.68 0.29 24.44
C ASN B 144 13.57 1.00 25.79
N PRO B 145 12.78 0.50 26.76
CA PRO B 145 12.67 1.21 28.05
C PRO B 145 14.01 1.43 28.74
N GLY B 146 14.20 2.66 29.19
CA GLY B 146 15.44 3.10 29.83
C GLY B 146 16.23 4.01 28.92
N GLU B 147 16.05 3.86 27.60
CA GLU B 147 16.74 4.67 26.60
C GLU B 147 16.21 6.10 26.62
N THR B 148 17.09 7.06 26.32
CA THR B 148 16.72 8.47 26.28
C THR B 148 16.63 8.97 24.84
N GLN B 149 17.21 8.23 23.88
CA GLN B 149 17.15 8.64 22.48
C GLN B 149 15.72 8.58 21.96
N ASP B 150 15.31 9.68 21.32
CA ASP B 150 13.98 9.88 20.72
C ASP B 150 12.86 9.84 21.77
N THR B 151 13.15 10.37 22.97
CA THR B 151 12.17 10.45 24.05
C THR B 151 11.98 11.90 24.49
N SER B 152 10.88 12.15 25.19
CA SER B 152 10.59 13.42 25.84
C SER B 152 9.66 13.12 27.01
N THR B 153 9.13 14.16 27.65
CA THR B 153 8.20 14.03 28.77
C THR B 153 6.93 14.79 28.43
N ALA B 154 5.84 14.52 29.14
CA ALA B 154 4.57 15.21 28.92
C ALA B 154 4.74 16.71 29.15
N ARG B 155 5.45 17.10 30.21
CA ARG B 155 5.70 18.51 30.52
C ARG B 155 6.49 19.22 29.41
N ALA B 156 7.57 18.59 28.91
CA ALA B 156 8.40 19.20 27.87
C ALA B 156 7.66 19.35 26.56
N LEU B 157 6.87 18.34 26.19
CA LEU B 157 6.12 18.38 24.95
C LEU B 157 5.06 19.47 24.98
N VAL B 158 4.39 19.68 26.13
CA VAL B 158 3.39 20.76 26.21
C VAL B 158 4.08 22.11 26.15
N THR B 159 5.23 22.26 26.85
CA THR B 159 5.99 23.51 26.87
C THR B 159 6.45 23.91 25.46
N SER B 160 6.97 22.94 24.67
CA SER B 160 7.45 23.16 23.32
C SER B 160 6.34 23.47 22.33
N LEU B 161 5.17 22.79 22.47
CA LEU B 161 4.00 23.01 21.62
C LEU B 161 3.38 24.37 21.93
N ARG B 162 3.39 24.77 23.21
CA ARG B 162 2.87 26.08 23.66
C ARG B 162 3.76 27.20 23.09
N ALA B 163 5.08 26.97 23.04
CA ALA B 163 6.08 27.91 22.55
C ALA B 163 5.92 28.25 21.06
N PHE B 164 5.66 27.25 20.22
CA PHE B 164 5.50 27.48 18.78
C PHE B 164 4.12 27.94 18.38
N ALA B 165 3.07 27.34 18.97
CA ALA B 165 1.70 27.60 18.57
C ALA B 165 1.04 28.85 19.14
N LEU B 166 1.46 29.30 20.34
CA LEU B 166 0.79 30.44 20.97
C LEU B 166 1.64 31.71 21.07
N GLU B 167 0.93 32.86 21.08
CA GLU B 167 1.42 34.25 21.15
C GLU B 167 2.35 34.51 22.35
N ASP B 168 2.16 33.76 23.45
CA ASP B 168 2.94 33.76 24.69
C ASP B 168 3.57 32.36 24.82
N PRO B 169 4.91 32.19 24.67
CA PRO B 169 5.96 33.23 24.48
C PRO B 169 6.00 33.91 23.11
N GLY B 170 5.59 33.20 22.08
CA GLY B 170 5.52 33.61 20.68
C GLY B 170 6.84 33.53 19.95
N LYS B 171 7.45 32.32 19.93
CA LYS B 171 8.72 32.05 19.23
C LYS B 171 8.53 32.17 17.71
N LEU B 172 7.26 32.18 17.27
CA LEU B 172 6.83 32.32 15.88
C LEU B 172 5.88 33.52 15.72
N PRO B 173 5.93 34.26 14.58
CA PRO B 173 4.97 35.38 14.40
C PRO B 173 3.58 34.85 14.09
N SER B 174 2.55 35.71 14.21
CA SER B 174 1.12 35.39 14.05
C SER B 174 0.77 34.55 12.81
N GLU B 175 1.23 34.96 11.62
CA GLU B 175 0.94 34.28 10.35
C GLU B 175 1.42 32.82 10.36
N LYS B 176 2.66 32.60 10.85
CA LYS B 176 3.30 31.28 10.94
C LYS B 176 2.61 30.41 11.99
N ARG B 177 2.19 31.02 13.11
CA ARG B 177 1.46 30.34 14.21
C ARG B 177 0.10 29.84 13.72
N GLU B 178 -0.57 30.64 12.87
CA GLU B 178 -1.87 30.32 12.28
C GLU B 178 -1.75 29.11 11.38
N LEU B 179 -0.65 29.02 10.60
CA LEU B 179 -0.41 27.88 9.71
C LEU B 179 -0.29 26.60 10.50
N LEU B 180 0.56 26.59 11.54
CA LEU B 180 0.77 25.43 12.38
C LEU B 180 -0.55 24.96 13.00
N ILE B 181 -1.30 25.89 13.60
CA ILE B 181 -2.58 25.59 14.23
C ILE B 181 -3.57 25.01 13.20
N ASP B 182 -3.67 25.64 12.02
CA ASP B 182 -4.57 25.17 10.96
C ASP B 182 -4.28 23.74 10.55
N TRP B 183 -2.99 23.40 10.34
CA TRP B 183 -2.61 22.04 9.97
C TRP B 183 -3.02 21.05 11.06
N MET B 184 -2.68 21.35 12.31
CA MET B 184 -2.98 20.50 13.46
C MET B 184 -4.49 20.35 13.71
N LYS B 185 -5.26 21.44 13.51
CA LYS B 185 -6.72 21.42 13.64
C LYS B 185 -7.35 20.49 12.59
N ARG B 186 -6.71 20.39 11.41
CA ARG B 186 -7.19 19.57 10.31
C ARG B 186 -6.50 18.20 10.25
N ASN B 187 -5.91 17.75 11.39
CA ASN B 187 -5.28 16.43 11.49
C ASN B 187 -6.33 15.36 11.22
N THR B 188 -5.93 14.29 10.50
CA THR B 188 -6.86 13.20 10.16
C THR B 188 -6.66 11.94 11.03
N THR B 189 -5.59 11.89 11.82
CA THR B 189 -5.23 10.68 12.57
C THR B 189 -5.63 10.59 14.06
N GLY B 190 -6.20 11.65 14.64
CA GLY B 190 -6.50 11.66 16.07
C GLY B 190 -7.93 11.65 16.57
N ASP B 191 -8.88 11.21 15.75
CA ASP B 191 -10.29 11.20 16.11
C ASP B 191 -10.67 10.30 17.31
N ALA B 192 -9.89 9.24 17.56
CA ALA B 192 -10.15 8.31 18.66
C ALA B 192 -9.33 8.59 19.93
N LEU B 193 -8.52 9.67 19.94
CA LEU B 193 -7.66 9.99 21.07
C LEU B 193 -8.19 11.17 21.92
N ILE B 194 -7.52 12.36 21.93
CA ILE B 194 -7.93 13.55 22.70
C ILE B 194 -9.28 14.09 22.18
N ARG B 195 -9.52 14.01 20.86
CA ARG B 195 -10.76 14.44 20.20
C ARG B 195 -11.98 13.66 20.71
N ALA B 196 -11.74 12.43 21.23
CA ALA B 196 -12.76 11.56 21.79
C ALA B 196 -13.04 11.81 23.30
N GLY B 197 -12.18 12.59 23.97
CA GLY B 197 -12.30 12.89 25.40
C GLY B 197 -12.62 14.34 25.75
N VAL B 198 -12.77 15.19 24.74
CA VAL B 198 -13.07 16.62 24.90
C VAL B 198 -14.56 16.84 24.61
N PRO B 199 -15.29 17.79 25.27
CA PRO B 199 -16.71 17.96 24.94
C PRO B 199 -16.91 18.49 23.52
N ASP B 200 -18.06 18.17 22.91
CA ASP B 200 -18.34 18.66 21.55
C ASP B 200 -18.44 20.19 21.60
N GLY B 201 -17.98 20.84 20.53
CA GLY B 201 -17.95 22.30 20.48
C GLY B 201 -16.58 22.88 20.79
N TRP B 202 -15.74 22.13 21.54
CA TRP B 202 -14.36 22.56 21.85
C TRP B 202 -13.51 22.23 20.63
N GLU B 203 -12.65 23.16 20.21
CA GLU B 203 -11.81 22.93 19.04
C GLU B 203 -10.53 22.21 19.44
N VAL B 204 -10.02 21.33 18.58
CA VAL B 204 -8.82 20.53 18.87
C VAL B 204 -7.80 20.64 17.73
N ALA B 205 -6.52 20.87 18.08
CA ALA B 205 -5.38 20.92 17.18
C ALA B 205 -4.37 19.93 17.75
N ASP B 206 -4.32 18.69 17.23
CA ASP B 206 -3.48 17.63 17.79
C ASP B 206 -2.48 16.99 16.83
N LYS B 207 -1.55 16.21 17.42
CA LYS B 207 -0.62 15.38 16.68
C LYS B 207 -0.43 14.08 17.44
N THR B 208 -0.68 12.96 16.76
CA THR B 208 -0.59 11.61 17.32
C THR B 208 0.76 10.97 17.10
N GLY B 209 0.98 9.85 17.79
CA GLY B 209 2.18 9.04 17.67
C GLY B 209 1.96 7.64 18.23
N ALA B 210 2.66 6.67 17.67
CA ALA B 210 2.65 5.28 18.12
C ALA B 210 4.04 4.72 17.92
N ALA B 211 4.56 3.98 18.91
CA ALA B 211 5.91 3.44 18.85
C ALA B 211 6.01 2.06 19.54
N SER B 212 7.24 1.50 19.63
CA SER B 212 7.52 0.21 20.26
C SER B 212 7.08 0.18 21.74
N TYR B 213 6.90 -1.04 22.30
CA TYR B 213 6.45 -1.24 23.67
C TYR B 213 5.05 -0.65 23.90
N GLY B 214 4.18 -0.77 22.90
CA GLY B 214 2.81 -0.30 22.93
C GLY B 214 2.64 1.17 23.24
N THR B 215 3.60 2.00 22.77
CA THR B 215 3.57 3.44 22.99
C THR B 215 2.47 4.08 22.16
N ARG B 216 1.63 4.90 22.81
CA ARG B 216 0.53 5.59 22.14
C ARG B 216 0.41 6.97 22.74
N ASN B 217 0.65 8.00 21.91
CA ASN B 217 0.70 9.39 22.35
C ASN B 217 -0.21 10.32 21.56
N ASP B 218 -0.53 11.46 22.18
CA ASP B 218 -1.27 12.55 21.55
C ASP B 218 -0.96 13.83 22.29
N ILE B 219 -0.62 14.87 21.53
CA ILE B 219 -0.36 16.20 22.07
C ILE B 219 -1.31 17.15 21.38
N ALA B 220 -1.90 18.08 22.14
CA ALA B 220 -2.90 18.98 21.58
C ALA B 220 -3.05 20.30 22.31
N ILE B 221 -3.71 21.25 21.64
CA ILE B 221 -4.11 22.56 22.14
C ILE B 221 -5.63 22.52 22.04
N ILE B 222 -6.34 22.55 23.18
CA ILE B 222 -7.81 22.45 23.19
C ILE B 222 -8.44 23.81 23.49
N TRP B 223 -9.30 24.32 22.60
CA TRP B 223 -9.93 25.60 22.85
C TRP B 223 -11.36 25.48 23.34
N PRO B 224 -11.70 26.19 24.44
CA PRO B 224 -13.10 26.24 24.87
C PRO B 224 -13.90 27.08 23.87
N PRO B 225 -15.26 26.97 23.75
CA PRO B 225 -15.98 27.85 22.79
C PRO B 225 -15.60 29.32 22.93
N LYS B 226 -15.30 29.74 24.17
CA LYS B 226 -14.87 31.08 24.54
C LYS B 226 -13.65 30.96 25.48
N GLY B 227 -12.67 31.83 25.34
CA GLY B 227 -11.54 31.84 26.26
C GLY B 227 -10.25 31.24 25.78
N ASP B 228 -9.30 31.12 26.72
CA ASP B 228 -7.94 30.63 26.51
C ASP B 228 -7.79 29.12 26.35
N PRO B 229 -6.87 28.66 25.46
CA PRO B 229 -6.70 27.21 25.25
C PRO B 229 -6.09 26.43 26.41
N VAL B 230 -6.22 25.09 26.33
CA VAL B 230 -5.73 24.12 27.29
C VAL B 230 -4.72 23.19 26.57
N VAL B 231 -3.41 23.47 26.75
CA VAL B 231 -2.32 22.68 26.13
C VAL B 231 -2.10 21.40 26.95
N LEU B 232 -2.20 20.23 26.28
CA LEU B 232 -2.12 18.92 26.93
C LEU B 232 -1.34 17.84 26.16
N ALA B 233 -0.59 17.00 26.90
CA ALA B 233 0.10 15.84 26.35
C ALA B 233 -0.34 14.62 27.14
N VAL B 234 -0.78 13.58 26.42
CA VAL B 234 -1.20 12.30 26.96
C VAL B 234 -0.30 11.26 26.31
N LEU B 235 0.65 10.73 27.08
CA LEU B 235 1.61 9.74 26.61
C LEU B 235 1.38 8.43 27.35
N SER B 236 1.62 7.31 26.68
CA SER B 236 1.44 6.00 27.29
C SER B 236 2.37 4.95 26.70
N SER B 237 2.70 3.91 27.49
CA SER B 237 3.53 2.79 27.06
C SER B 237 3.24 1.55 27.91
N ARG B 238 3.80 0.41 27.49
CA ARG B 238 3.58 -0.88 28.14
C ARG B 238 4.92 -1.61 28.37
N ASP B 239 4.89 -2.72 29.12
CA ASP B 239 6.08 -3.48 29.51
C ASP B 239 6.72 -4.35 28.40
N LYS B 240 5.92 -4.92 27.49
CA LYS B 240 6.46 -5.82 26.46
C LYS B 240 6.64 -5.14 25.11
N LYS B 241 7.71 -5.51 24.40
CA LYS B 241 8.11 -4.94 23.10
C LYS B 241 6.99 -4.94 22.08
N ASP B 242 6.31 -6.07 21.93
CA ASP B 242 5.26 -6.26 20.94
C ASP B 242 3.85 -6.02 21.51
N ALA B 243 3.75 -5.15 22.52
CA ALA B 243 2.46 -4.83 23.12
C ALA B 243 1.61 -3.98 22.19
N LYS B 244 0.31 -4.17 22.26
CA LYS B 244 -0.68 -3.43 21.49
C LYS B 244 -1.11 -2.23 22.33
N TYR B 245 -1.74 -1.23 21.69
CA TYR B 245 -2.26 -0.06 22.39
C TYR B 245 -3.78 0.04 22.21
N ASP B 246 -4.42 0.87 23.03
CA ASP B 246 -5.85 1.12 22.95
C ASP B 246 -6.06 2.61 23.03
N ASP B 247 -6.57 3.20 21.94
CA ASP B 247 -6.88 4.64 21.83
C ASP B 247 -7.83 5.08 22.92
N LYS B 248 -8.71 4.18 23.38
CA LYS B 248 -9.67 4.45 24.44
C LYS B 248 -9.00 4.92 25.72
N LEU B 249 -7.79 4.41 26.04
CA LEU B 249 -7.01 4.79 27.21
C LEU B 249 -6.63 6.29 27.18
N ILE B 250 -6.33 6.83 25.98
CA ILE B 250 -6.00 8.25 25.78
C ILE B 250 -7.28 9.08 26.00
N ALA B 251 -8.40 8.65 25.39
CA ALA B 251 -9.71 9.27 25.51
C ALA B 251 -10.21 9.30 26.95
N GLU B 252 -10.05 8.18 27.68
CA GLU B 252 -10.44 8.04 29.08
C GLU B 252 -9.61 8.96 29.97
N ALA B 253 -8.29 9.11 29.64
CA ALA B 253 -7.36 9.98 30.36
C ALA B 253 -7.66 11.45 30.09
N THR B 254 -8.13 11.77 28.85
CA THR B 254 -8.49 13.13 28.44
C THR B 254 -9.69 13.63 29.26
N LYS B 255 -10.71 12.76 29.45
CA LYS B 255 -11.92 13.05 30.22
C LYS B 255 -11.60 13.38 31.69
N VAL B 256 -10.60 12.67 32.28
CA VAL B 256 -10.11 12.87 33.66
C VAL B 256 -9.42 14.25 33.75
N VAL B 257 -8.69 14.65 32.69
CA VAL B 257 -8.00 15.94 32.59
C VAL B 257 -9.02 17.09 32.53
N MET B 258 -10.12 16.90 31.76
CA MET B 258 -11.21 17.89 31.59
C MET B 258 -11.98 18.19 32.88
N LYS B 259 -12.30 17.14 33.67
CA LYS B 259 -13.02 17.23 34.94
C LYS B 259 -12.20 17.97 35.98
N ALA B 260 -10.90 17.65 36.06
CA ALA B 260 -9.95 18.27 36.99
C ALA B 260 -9.78 19.76 36.70
N LEU B 261 -9.82 20.15 35.42
CA LEU B 261 -9.68 21.55 35.02
C LEU B 261 -10.95 22.38 35.17
N ASN B 262 -12.14 21.75 35.07
CA ASN B 262 -13.42 22.46 35.15
C ASN B 262 -14.08 22.38 36.52
N VAL C 2 5.29 -15.34 -45.25
CA VAL C 2 5.09 -14.55 -44.04
C VAL C 2 6.11 -14.94 -42.98
N GLN C 3 6.70 -13.95 -42.27
CA GLN C 3 7.71 -14.14 -41.22
C GLN C 3 7.93 -12.85 -40.41
N LEU C 4 8.30 -13.00 -39.12
CA LEU C 4 8.64 -11.88 -38.23
C LEU C 4 10.09 -12.07 -37.78
N GLN C 5 11.00 -11.17 -38.21
CA GLN C 5 12.42 -11.25 -37.87
C GLN C 5 12.88 -10.13 -36.96
N GLU C 6 13.38 -10.51 -35.80
CA GLU C 6 13.85 -9.60 -34.77
C GLU C 6 15.36 -9.36 -34.85
N SER C 7 15.73 -8.08 -34.80
CA SER C 7 17.10 -7.57 -34.87
C SER C 7 17.34 -6.58 -33.70
N GLY C 8 18.57 -6.09 -33.57
CA GLY C 8 18.94 -5.10 -32.57
C GLY C 8 19.37 -5.61 -31.21
N GLY C 9 19.45 -6.92 -31.05
CA GLY C 9 19.84 -7.56 -29.80
C GLY C 9 21.26 -8.07 -29.79
N GLY C 10 21.75 -8.40 -28.60
CA GLY C 10 23.09 -8.93 -28.41
C GLY C 10 23.85 -8.41 -27.21
N LEU C 11 25.17 -8.40 -27.35
CA LEU C 11 26.19 -7.98 -26.37
C LEU C 11 26.03 -6.52 -25.90
N VAL C 12 25.66 -6.34 -24.61
CA VAL C 12 25.51 -5.01 -24.00
C VAL C 12 25.86 -5.05 -22.50
N GLN C 13 26.24 -3.89 -21.93
CA GLN C 13 26.61 -3.73 -20.52
C GLN C 13 25.42 -3.32 -19.66
N ALA C 14 25.51 -3.57 -18.33
CA ALA C 14 24.48 -3.24 -17.33
C ALA C 14 24.30 -1.73 -17.21
N GLY C 15 23.08 -1.28 -17.39
CA GLY C 15 22.70 0.13 -17.35
C GLY C 15 22.60 0.75 -18.72
N GLY C 16 23.07 0.02 -19.74
CA GLY C 16 23.07 0.44 -21.13
C GLY C 16 21.70 0.41 -21.79
N SER C 17 21.68 0.61 -23.12
CA SER C 17 20.44 0.63 -23.90
C SER C 17 20.52 -0.13 -25.21
N LEU C 18 19.41 -0.77 -25.59
CA LEU C 18 19.25 -1.52 -26.82
C LEU C 18 17.90 -1.19 -27.44
N ARG C 19 17.84 -1.16 -28.78
CA ARG C 19 16.58 -0.94 -29.47
C ARG C 19 16.33 -2.16 -30.33
N LEU C 20 15.37 -2.99 -29.90
CA LEU C 20 14.97 -4.20 -30.61
C LEU C 20 14.07 -3.81 -31.76
N SER C 21 14.33 -4.35 -32.95
CA SER C 21 13.56 -4.11 -34.15
C SER C 21 12.87 -5.40 -34.56
N CYS C 22 11.59 -5.32 -34.93
CA CYS C 22 10.84 -6.49 -35.39
C CYS C 22 10.33 -6.25 -36.81
N ALA C 23 11.13 -6.70 -37.81
CA ALA C 23 10.80 -6.54 -39.22
C ALA C 23 9.86 -7.64 -39.70
N ALA C 24 8.74 -7.23 -40.31
CA ALA C 24 7.73 -8.14 -40.82
C ALA C 24 7.84 -8.31 -42.33
N SER C 25 7.39 -9.46 -42.83
CA SER C 25 7.41 -9.82 -44.25
C SER C 25 6.24 -10.76 -44.60
N GLY C 26 5.82 -10.74 -45.86
CA GLY C 26 4.74 -11.57 -46.36
C GLY C 26 3.37 -10.93 -46.31
N ARG C 27 3.11 -10.15 -45.25
CA ARG C 27 1.84 -9.41 -45.05
C ARG C 27 2.03 -8.17 -44.17
N THR C 28 1.10 -7.21 -44.25
CA THR C 28 1.16 -6.00 -43.43
C THR C 28 0.65 -6.34 -42.03
N PHE C 29 1.43 -5.95 -41.01
CA PHE C 29 1.12 -6.19 -39.60
C PHE C 29 0.63 -4.91 -38.89
N SER C 30 0.26 -3.87 -39.68
CA SER C 30 -0.21 -2.57 -39.21
C SER C 30 -1.53 -2.64 -38.44
N ASN C 31 -2.42 -3.60 -38.79
CA ASN C 31 -3.72 -3.80 -38.15
C ASN C 31 -3.64 -4.81 -37.01
N ASP C 32 -2.45 -5.41 -36.83
CA ASP C 32 -2.19 -6.43 -35.82
C ASP C 32 -1.77 -5.89 -34.47
N HIS C 33 -2.25 -6.58 -33.43
CA HIS C 33 -1.92 -6.33 -32.04
C HIS C 33 -0.55 -6.96 -31.85
N MET C 34 0.50 -6.14 -31.77
CA MET C 34 1.87 -6.63 -31.60
C MET C 34 2.22 -6.83 -30.13
N GLY C 35 3.33 -7.52 -29.88
CA GLY C 35 3.81 -7.79 -28.53
C GLY C 35 5.23 -8.33 -28.49
N TRP C 36 5.77 -8.45 -27.25
CA TRP C 36 7.10 -8.97 -26.97
C TRP C 36 7.04 -9.94 -25.80
N PHE C 37 7.78 -11.05 -25.91
CA PHE C 37 7.91 -12.11 -24.90
C PHE C 37 9.38 -12.46 -24.77
N ARG C 38 9.80 -12.96 -23.60
CA ARG C 38 11.21 -13.32 -23.39
C ARG C 38 11.38 -14.65 -22.70
N LYS C 39 12.48 -15.35 -23.01
CA LYS C 39 12.79 -16.66 -22.44
C LYS C 39 14.26 -16.76 -22.08
N ALA C 40 14.55 -16.82 -20.77
CA ALA C 40 15.89 -16.93 -20.22
C ALA C 40 16.21 -18.42 -19.99
N PRO C 41 17.49 -18.87 -20.10
CA PRO C 41 17.77 -20.30 -19.89
C PRO C 41 17.45 -20.84 -18.48
N GLY C 42 16.52 -21.80 -18.43
CA GLY C 42 16.04 -22.41 -17.19
C GLY C 42 14.76 -21.79 -16.68
N LYS C 43 14.66 -20.45 -16.76
CA LYS C 43 13.50 -19.65 -16.35
C LYS C 43 12.39 -19.72 -17.40
N GLU C 44 11.12 -19.68 -16.95
CA GLU C 44 9.95 -19.78 -17.83
C GLU C 44 9.72 -18.52 -18.69
N ARG C 45 9.10 -18.72 -19.87
CA ARG C 45 8.79 -17.67 -20.86
C ARG C 45 7.82 -16.65 -20.26
N GLU C 46 8.18 -15.35 -20.32
CA GLU C 46 7.33 -14.31 -19.75
C GLU C 46 7.03 -13.17 -20.72
N PHE C 47 5.87 -12.53 -20.52
CA PHE C 47 5.38 -11.38 -21.29
C PHE C 47 6.25 -10.16 -21.01
N VAL C 48 6.52 -9.35 -22.04
CA VAL C 48 7.31 -8.14 -21.91
C VAL C 48 6.43 -6.91 -22.16
N ALA C 49 5.93 -6.76 -23.41
CA ALA C 49 5.13 -5.61 -23.83
C ALA C 49 4.06 -5.98 -24.86
N ALA C 50 3.06 -5.09 -25.06
CA ALA C 50 1.96 -5.27 -26.02
C ALA C 50 1.47 -3.92 -26.53
N ILE C 51 1.07 -3.84 -27.81
CA ILE C 51 0.57 -2.60 -28.43
C ILE C 51 -0.68 -2.89 -29.30
N THR C 52 -1.70 -2.02 -29.20
CA THR C 52 -2.94 -2.11 -29.96
C THR C 52 -2.77 -1.45 -31.35
N PRO C 53 -3.62 -1.75 -32.36
CA PRO C 53 -3.42 -1.13 -33.68
C PRO C 53 -3.86 0.35 -33.83
N GLY C 54 -5.04 0.68 -33.33
CA GLY C 54 -5.62 2.02 -33.45
C GLY C 54 -5.00 3.10 -32.59
N THR C 55 -5.49 3.23 -31.34
CA THR C 55 -5.04 4.21 -30.34
C THR C 55 -3.61 3.93 -29.87
N GLU C 56 -3.10 2.72 -30.15
CA GLU C 56 -1.77 2.23 -29.79
C GLU C 56 -1.53 2.26 -28.26
N LYS C 57 -2.46 1.63 -27.50
CA LYS C 57 -2.40 1.48 -26.05
C LYS C 57 -1.29 0.50 -25.75
N THR C 58 -0.35 0.87 -24.87
CA THR C 58 0.75 -0.01 -24.51
C THR C 58 0.54 -0.64 -23.15
N TYR C 59 0.93 -1.92 -23.03
CA TYR C 59 0.85 -2.70 -21.80
C TYR C 59 2.22 -3.31 -21.55
N TYR C 60 2.78 -3.07 -20.37
CA TYR C 60 4.11 -3.58 -19.99
C TYR C 60 4.05 -4.40 -18.71
N ALA C 61 4.95 -5.39 -18.60
CA ALA C 61 5.08 -6.22 -17.40
C ALA C 61 5.71 -5.34 -16.32
N ASP C 62 5.31 -5.55 -15.04
CA ASP C 62 5.81 -4.78 -13.88
C ASP C 62 7.34 -4.80 -13.80
N SER C 63 7.93 -5.97 -14.11
CA SER C 63 9.35 -6.28 -14.15
C SER C 63 10.10 -5.45 -15.21
N VAL C 64 9.38 -4.84 -16.16
CA VAL C 64 9.93 -4.08 -17.28
C VAL C 64 9.43 -2.62 -17.32
N LYS C 65 8.29 -2.34 -16.65
CA LYS C 65 7.61 -1.04 -16.53
C LYS C 65 8.54 0.12 -16.15
N GLY C 66 8.48 1.20 -16.92
CA GLY C 66 9.27 2.41 -16.71
C GLY C 66 10.60 2.47 -17.44
N ARG C 67 11.16 1.30 -17.78
CA ARG C 67 12.44 1.17 -18.47
C ARG C 67 12.28 0.94 -19.96
N PHE C 68 11.25 0.15 -20.37
CA PHE C 68 11.01 -0.22 -21.76
C PHE C 68 9.93 0.63 -22.42
N ALA C 69 10.03 0.81 -23.75
CA ALA C 69 9.08 1.59 -24.54
C ALA C 69 8.77 0.90 -25.87
N PHE C 70 7.48 0.61 -26.09
CA PHE C 70 6.99 -0.04 -27.31
C PHE C 70 6.51 1.02 -28.28
N SER C 71 7.04 0.99 -29.51
CA SER C 71 6.68 1.95 -30.57
C SER C 71 6.56 1.26 -31.94
N ARG C 72 5.74 1.86 -32.84
CA ARG C 72 5.47 1.31 -34.17
C ARG C 72 6.01 2.17 -35.31
N ASP C 73 6.01 1.60 -36.52
CA ASP C 73 6.40 2.20 -37.81
C ASP C 73 5.70 1.38 -38.89
N ASN C 74 4.42 1.70 -39.13
CA ASN C 74 3.54 1.03 -40.09
C ASN C 74 4.05 1.06 -41.52
N ALA C 75 4.68 2.20 -41.93
CA ALA C 75 5.24 2.41 -43.26
C ALA C 75 6.38 1.43 -43.59
N LYS C 76 7.25 1.15 -42.60
CA LYS C 76 8.39 0.24 -42.75
C LYS C 76 8.04 -1.20 -42.40
N ASN C 77 6.81 -1.45 -41.88
CA ASN C 77 6.28 -2.75 -41.44
C ASN C 77 7.15 -3.31 -40.30
N THR C 78 7.58 -2.40 -39.40
CA THR C 78 8.45 -2.71 -38.26
C THR C 78 7.91 -2.12 -36.97
N VAL C 79 8.13 -2.85 -35.86
CA VAL C 79 7.79 -2.42 -34.50
C VAL C 79 9.07 -2.44 -33.68
N TYR C 80 9.23 -1.46 -32.80
CA TYR C 80 10.45 -1.31 -32.01
C TYR C 80 10.22 -1.40 -30.50
N LEU C 81 11.24 -1.88 -29.80
CA LEU C 81 11.22 -1.98 -28.35
C LEU C 81 12.52 -1.41 -27.81
N GLN C 82 12.44 -0.17 -27.30
CA GLN C 82 13.58 0.54 -26.74
C GLN C 82 13.71 0.14 -25.27
N MET C 83 14.85 -0.48 -24.90
CA MET C 83 15.11 -0.96 -23.54
C MET C 83 16.15 -0.06 -22.90
N ASN C 84 15.79 0.67 -21.83
CA ASN C 84 16.72 1.54 -21.10
C ASN C 84 17.01 0.94 -19.72
N SER C 85 18.07 1.43 -19.04
CA SER C 85 18.50 0.98 -17.71
C SER C 85 18.50 -0.56 -17.56
N LEU C 86 19.15 -1.24 -18.54
CA LEU C 86 19.24 -2.70 -18.59
C LEU C 86 19.87 -3.32 -17.34
N LYS C 87 19.24 -4.38 -16.83
CA LYS C 87 19.63 -5.10 -15.61
C LYS C 87 20.09 -6.52 -15.99
N PRO C 88 20.93 -7.22 -15.17
CA PRO C 88 21.29 -8.62 -15.50
C PRO C 88 20.06 -9.53 -15.66
N GLU C 89 18.96 -9.15 -15.00
CA GLU C 89 17.63 -9.78 -14.99
C GLU C 89 17.03 -9.83 -16.41
N ASP C 90 17.35 -8.83 -17.25
CA ASP C 90 16.86 -8.68 -18.62
C ASP C 90 17.52 -9.61 -19.65
N THR C 91 18.53 -10.43 -19.23
CA THR C 91 19.23 -11.36 -20.12
C THR C 91 18.33 -12.54 -20.48
N ALA C 92 17.82 -12.55 -21.73
CA ALA C 92 16.92 -13.56 -22.28
C ALA C 92 16.85 -13.46 -23.81
N VAL C 93 16.14 -14.42 -24.46
CA VAL C 93 15.91 -14.43 -25.90
C VAL C 93 14.56 -13.73 -26.11
N TYR C 94 14.56 -12.60 -26.83
CA TYR C 94 13.36 -11.78 -27.04
C TYR C 94 12.63 -12.15 -28.33
N TYR C 95 11.34 -12.52 -28.17
CA TYR C 95 10.44 -12.96 -29.23
C TYR C 95 9.39 -11.90 -29.57
N CYS C 96 9.23 -11.66 -30.88
CA CYS C 96 8.25 -10.72 -31.42
C CYS C 96 7.00 -11.51 -31.76
N VAL C 97 5.86 -11.08 -31.18
CA VAL C 97 4.57 -11.76 -31.33
C VAL C 97 3.50 -10.84 -31.94
N ALA C 98 2.50 -11.45 -32.62
CA ALA C 98 1.41 -10.72 -33.27
C ALA C 98 0.11 -11.51 -33.34
N THR C 99 -1.01 -10.78 -33.36
CA THR C 99 -2.37 -11.31 -33.50
C THR C 99 -3.28 -10.29 -34.19
N PRO C 100 -4.04 -10.70 -35.23
CA PRO C 100 -4.93 -9.73 -35.90
C PRO C 100 -6.05 -9.20 -35.01
N TYR C 101 -6.47 -9.99 -34.00
CA TYR C 101 -7.51 -9.61 -33.05
C TYR C 101 -7.19 -10.06 -31.62
N TYR C 102 -7.89 -9.45 -30.66
CA TYR C 102 -7.79 -9.67 -29.22
C TYR C 102 -8.57 -10.95 -28.84
N ARG C 103 -7.97 -12.14 -29.07
CA ARG C 103 -8.58 -13.44 -28.79
C ARG C 103 -8.48 -13.87 -27.32
N GLY C 104 -7.59 -13.22 -26.58
CA GLY C 104 -7.35 -13.48 -25.16
C GLY C 104 -6.50 -12.40 -24.53
N SER C 105 -5.92 -12.71 -23.36
CA SER C 105 -5.06 -11.79 -22.62
C SER C 105 -3.75 -11.53 -23.36
N TYR C 106 -3.24 -10.28 -23.29
CA TYR C 106 -1.97 -9.88 -23.90
C TYR C 106 -0.79 -10.60 -23.24
N TYR C 107 -0.94 -10.94 -21.96
CA TYR C 107 0.01 -11.66 -21.11
C TYR C 107 0.10 -13.15 -21.44
N ALA C 108 -0.93 -13.69 -22.14
CA ALA C 108 -1.00 -15.11 -22.53
C ALA C 108 -0.41 -15.35 -23.91
N ALA C 109 0.54 -16.31 -24.02
CA ALA C 109 1.23 -16.67 -25.25
C ALA C 109 0.30 -17.26 -26.32
N SER C 110 -0.76 -17.98 -25.88
CA SER C 110 -1.77 -18.62 -26.74
C SER C 110 -2.62 -17.62 -27.54
N THR C 111 -2.58 -16.33 -27.16
CA THR C 111 -3.27 -15.19 -27.77
C THR C 111 -2.61 -14.75 -29.09
N TYR C 112 -1.38 -15.18 -29.35
CA TYR C 112 -0.62 -14.76 -30.51
C TYR C 112 -0.45 -15.88 -31.51
N THR C 113 -0.93 -15.64 -32.74
CA THR C 113 -0.91 -16.59 -33.86
C THR C 113 0.37 -16.48 -34.70
N TYR C 114 1.07 -15.33 -34.62
CA TYR C 114 2.31 -15.08 -35.34
C TYR C 114 3.44 -14.94 -34.34
N TRP C 115 4.48 -15.77 -34.50
CA TRP C 115 5.66 -15.79 -33.64
C TRP C 115 6.94 -15.62 -34.45
N GLY C 116 7.96 -15.04 -33.82
CA GLY C 116 9.27 -14.83 -34.42
C GLY C 116 10.29 -15.86 -33.96
N GLN C 117 11.45 -15.91 -34.64
CA GLN C 117 12.55 -16.83 -34.33
C GLN C 117 13.24 -16.51 -32.99
N GLY C 118 13.25 -15.23 -32.62
CA GLY C 118 13.86 -14.76 -31.38
C GLY C 118 15.26 -14.20 -31.57
N THR C 119 15.65 -13.25 -30.71
CA THR C 119 16.98 -12.63 -30.74
C THR C 119 17.59 -12.62 -29.33
N GLN C 120 18.86 -13.04 -29.23
CA GLN C 120 19.57 -13.10 -27.95
C GLN C 120 19.95 -11.70 -27.45
N VAL C 121 19.69 -11.46 -26.16
CA VAL C 121 20.01 -10.22 -25.45
C VAL C 121 20.82 -10.60 -24.21
N THR C 122 22.06 -10.09 -24.12
CA THR C 122 22.98 -10.36 -23.02
C THR C 122 23.41 -9.08 -22.31
N VAL C 123 23.30 -9.07 -20.97
CA VAL C 123 23.66 -7.94 -20.12
C VAL C 123 24.86 -8.32 -19.23
N GLN D 3 33.84 -2.96 -4.06
CA GLN D 3 32.67 -3.74 -4.47
C GLN D 3 32.08 -4.53 -3.29
N LEU D 4 30.74 -4.75 -3.31
CA LEU D 4 30.05 -5.56 -2.31
C LEU D 4 29.39 -6.72 -3.06
N GLN D 5 29.84 -7.95 -2.79
CA GLN D 5 29.30 -9.15 -3.45
C GLN D 5 28.55 -10.07 -2.49
N GLU D 6 27.25 -10.28 -2.76
CA GLU D 6 26.37 -11.11 -1.97
C GLU D 6 26.25 -12.53 -2.53
N SER D 7 26.45 -13.53 -1.66
CA SER D 7 26.43 -14.96 -1.97
C SER D 7 25.46 -15.72 -1.05
N GLY D 8 25.20 -16.98 -1.38
CA GLY D 8 24.31 -17.85 -0.61
C GLY D 8 22.91 -17.88 -1.19
N VAL D 12 15.45 -22.73 -2.52
CA VAL D 12 15.13 -23.25 -1.19
C VAL D 12 13.61 -23.49 -1.03
N GLN D 13 13.24 -24.39 -0.10
CA GLN D 13 11.84 -24.75 0.19
C GLN D 13 11.25 -23.88 1.31
N ALA D 14 9.90 -23.83 1.37
CA ALA D 14 9.15 -23.07 2.39
C ALA D 14 9.33 -23.67 3.78
N GLY D 15 9.78 -22.82 4.70
CA GLY D 15 10.06 -23.20 6.08
C GLY D 15 11.53 -23.45 6.32
N GLY D 16 12.31 -23.50 5.24
CA GLY D 16 13.75 -23.73 5.27
C GLY D 16 14.56 -22.54 5.73
N SER D 17 15.90 -22.65 5.59
CA SER D 17 16.83 -21.61 6.02
C SER D 17 17.97 -21.35 5.04
N LEU D 18 18.44 -20.08 4.98
CA LEU D 18 19.56 -19.66 4.13
C LEU D 18 20.39 -18.56 4.78
N ARG D 19 21.72 -18.61 4.57
CA ARG D 19 22.66 -17.62 5.09
C ARG D 19 23.21 -16.77 3.96
N LEU D 20 22.77 -15.51 3.87
CA LEU D 20 23.24 -14.56 2.85
C LEU D 20 24.52 -13.90 3.34
N SER D 21 25.64 -14.16 2.64
CA SER D 21 26.94 -13.58 3.00
C SER D 21 27.34 -12.48 2.03
N CYS D 22 27.52 -11.26 2.56
CA CYS D 22 27.92 -10.08 1.80
C CYS D 22 29.41 -9.81 2.02
N ALA D 23 30.23 -10.23 1.05
CA ALA D 23 31.68 -10.06 1.04
C ALA D 23 32.07 -8.71 0.44
N ALA D 24 32.87 -7.93 1.18
CA ALA D 24 33.35 -6.62 0.76
C ALA D 24 34.77 -6.67 0.24
N SER D 25 35.12 -5.73 -0.66
CA SER D 25 36.44 -5.63 -1.29
C SER D 25 36.76 -4.17 -1.64
N GLY D 26 38.06 -3.86 -1.71
CA GLY D 26 38.56 -2.53 -2.06
C GLY D 26 38.78 -1.60 -0.88
N ARG D 27 37.86 -1.63 0.10
CA ARG D 27 37.90 -0.78 1.31
C ARG D 27 37.30 -1.53 2.52
N THR D 28 37.66 -1.10 3.74
CA THR D 28 37.18 -1.66 5.00
C THR D 28 35.78 -1.12 5.30
N PHE D 29 34.81 -2.03 5.49
CA PHE D 29 33.42 -1.68 5.77
C PHE D 29 33.04 -1.86 7.25
N SER D 30 34.05 -2.05 8.12
CA SER D 30 33.90 -2.25 9.56
C SER D 30 33.28 -1.05 10.28
N ASN D 31 33.57 0.18 9.80
CA ASN D 31 33.07 1.44 10.38
C ASN D 31 31.77 1.88 9.72
N ASP D 32 31.33 1.15 8.69
CA ASP D 32 30.13 1.45 7.93
C ASP D 32 28.87 0.87 8.54
N HIS D 33 27.76 1.58 8.34
CA HIS D 33 26.41 1.23 8.71
C HIS D 33 25.92 0.31 7.57
N MET D 34 25.85 -1.01 7.82
CA MET D 34 25.43 -1.97 6.80
C MET D 34 23.92 -2.13 6.80
N GLY D 35 23.40 -2.76 5.74
CA GLY D 35 21.97 -3.03 5.59
C GLY D 35 21.65 -4.02 4.49
N TRP D 36 20.35 -4.40 4.42
CA TRP D 36 19.81 -5.32 3.42
C TRP D 36 18.48 -4.78 2.88
N PHE D 37 18.28 -4.93 1.56
CA PHE D 37 17.09 -4.51 0.83
C PHE D 37 16.68 -5.66 -0.10
N ARG D 38 15.36 -5.82 -0.36
CA ARG D 38 14.87 -6.86 -1.27
C ARG D 38 13.92 -6.32 -2.33
N LYS D 39 14.07 -6.81 -3.58
CA LYS D 39 13.23 -6.43 -4.72
C LYS D 39 12.63 -7.66 -5.38
N ALA D 40 11.30 -7.82 -5.24
CA ALA D 40 10.53 -8.91 -5.83
C ALA D 40 9.98 -8.45 -7.19
N PRO D 41 9.77 -9.37 -8.17
CA PRO D 41 9.24 -8.94 -9.47
C PRO D 41 7.81 -8.39 -9.43
N GLY D 42 7.07 -8.69 -8.37
CA GLY D 42 5.68 -8.26 -8.19
C GLY D 42 5.51 -6.94 -7.47
N LYS D 43 6.33 -6.68 -6.43
CA LYS D 43 6.23 -5.47 -5.62
C LYS D 43 7.50 -4.58 -5.64
N GLU D 44 7.40 -3.37 -5.07
CA GLU D 44 8.45 -2.35 -4.94
C GLU D 44 9.63 -2.82 -4.08
N ARG D 45 10.79 -2.14 -4.20
CA ARG D 45 12.00 -2.42 -3.41
C ARG D 45 11.74 -2.05 -1.95
N GLU D 46 11.94 -3.01 -1.03
CA GLU D 46 11.71 -2.79 0.39
C GLU D 46 12.91 -3.11 1.27
N PHE D 47 13.00 -2.40 2.40
CA PHE D 47 14.04 -2.54 3.41
C PHE D 47 13.88 -3.88 4.14
N VAL D 48 15.00 -4.52 4.47
CA VAL D 48 14.99 -5.79 5.19
C VAL D 48 15.59 -5.60 6.58
N ALA D 49 16.90 -5.26 6.66
CA ALA D 49 17.62 -5.11 7.92
C ALA D 49 18.70 -4.02 7.86
N ALA D 50 19.18 -3.56 9.04
CA ALA D 50 20.22 -2.54 9.17
C ALA D 50 21.03 -2.78 10.45
N ILE D 51 22.35 -2.50 10.42
CA ILE D 51 23.23 -2.66 11.57
C ILE D 51 24.19 -1.45 11.70
N THR D 52 24.37 -0.96 12.94
CA THR D 52 25.26 0.16 13.27
C THR D 52 26.71 -0.35 13.44
N PRO D 53 27.76 0.50 13.35
CA PRO D 53 29.13 -0.02 13.48
C PRO D 53 29.60 -0.33 14.90
N GLY D 54 29.34 0.58 15.86
CA GLY D 54 29.78 0.45 17.24
C GLY D 54 29.06 -0.57 18.08
N THR D 55 27.94 -0.15 18.69
CA THR D 55 27.09 -0.98 19.56
C THR D 55 26.38 -2.10 18.79
N GLU D 56 26.35 -1.99 17.45
CA GLU D 56 25.74 -2.93 16.50
C GLU D 56 24.24 -3.10 16.76
N LYS D 57 23.50 -1.97 16.81
CA LYS D 57 22.05 -1.93 16.99
C LYS D 57 21.44 -2.44 15.70
N THR D 58 20.53 -3.40 15.78
CA THR D 58 19.87 -3.95 14.59
C THR D 58 18.46 -3.43 14.44
N TYR D 59 18.06 -3.16 13.20
CA TYR D 59 16.73 -2.68 12.83
C TYR D 59 16.20 -3.59 11.74
N TYR D 60 15.01 -4.16 11.96
CA TYR D 60 14.39 -5.06 11.00
C TYR D 60 13.00 -4.59 10.60
N ALA D 61 12.59 -4.91 9.36
CA ALA D 61 11.25 -4.60 8.87
C ALA D 61 10.27 -5.54 9.57
N ASP D 62 9.04 -5.05 9.86
CA ASP D 62 7.99 -5.82 10.53
C ASP D 62 7.72 -7.15 9.81
N SER D 63 7.83 -7.13 8.46
CA SER D 63 7.66 -8.27 7.54
C SER D 63 8.69 -9.40 7.79
N VAL D 64 9.85 -9.06 8.39
CA VAL D 64 10.94 -10.01 8.64
C VAL D 64 11.23 -10.19 10.16
N LYS D 65 10.76 -9.26 11.03
CA LYS D 65 10.98 -9.31 12.48
C LYS D 65 10.53 -10.63 13.12
N GLY D 66 11.47 -11.29 13.80
CA GLY D 66 11.30 -12.58 14.43
C GLY D 66 12.23 -13.62 13.83
N ARG D 67 12.25 -13.66 12.49
CA ARG D 67 13.06 -14.54 11.64
C ARG D 67 14.12 -13.61 11.00
N PHE D 68 14.81 -12.84 11.85
CA PHE D 68 15.74 -11.78 11.47
C PHE D 68 17.25 -12.18 11.31
N ALA D 69 18.03 -12.20 12.41
CA ALA D 69 19.44 -12.53 12.53
C ALA D 69 20.40 -11.78 11.55
N PHE D 70 20.84 -10.58 11.94
CA PHE D 70 21.81 -9.76 11.20
C PHE D 70 23.09 -9.70 12.03
N SER D 71 24.21 -10.16 11.45
CA SER D 71 25.51 -10.24 12.15
C SER D 71 26.70 -9.87 11.24
N ARG D 72 27.87 -9.57 11.84
CA ARG D 72 29.09 -9.25 11.11
C ARG D 72 30.39 -9.58 11.85
N ASP D 73 31.45 -9.90 11.10
CA ASP D 73 32.78 -10.22 11.63
C ASP D 73 33.82 -9.30 10.99
N ASN D 74 34.62 -8.63 11.82
CA ASN D 74 35.68 -7.72 11.38
C ASN D 74 37.04 -8.43 11.29
N ALA D 75 37.03 -9.65 10.73
CA ALA D 75 38.21 -10.48 10.52
C ALA D 75 38.41 -10.73 9.02
N LYS D 76 37.32 -11.12 8.32
CA LYS D 76 37.32 -11.42 6.89
C LYS D 76 36.65 -10.30 6.08
N ASN D 77 36.16 -9.23 6.77
CA ASN D 77 35.45 -8.07 6.22
C ASN D 77 34.17 -8.50 5.47
N THR D 78 33.45 -9.49 6.06
CA THR D 78 32.20 -10.06 5.54
C THR D 78 31.07 -9.88 6.54
N VAL D 79 29.84 -9.70 6.04
CA VAL D 79 28.62 -9.48 6.84
C VAL D 79 27.55 -10.55 6.46
N TYR D 80 26.82 -11.12 7.46
CA TYR D 80 25.81 -12.16 7.21
C TYR D 80 24.38 -11.77 7.59
N LEU D 81 23.39 -12.44 6.95
CA LEU D 81 21.96 -12.32 7.22
C LEU D 81 21.36 -13.73 7.19
N GLN D 82 21.09 -14.28 8.38
CA GLN D 82 20.52 -15.62 8.53
C GLN D 82 19.00 -15.51 8.46
N MET D 83 18.38 -16.21 7.51
CA MET D 83 16.94 -16.19 7.35
C MET D 83 16.35 -17.53 7.74
N ASN D 84 15.44 -17.52 8.73
CA ASN D 84 14.76 -18.73 9.20
C ASN D 84 13.27 -18.68 8.88
N SER D 85 12.56 -19.84 8.96
CA SER D 85 11.12 -19.97 8.68
C SER D 85 10.69 -19.20 7.40
N LEU D 86 11.43 -19.43 6.28
CA LEU D 86 11.25 -18.76 4.99
C LEU D 86 9.87 -18.99 4.37
N LYS D 87 9.14 -17.89 4.14
CA LYS D 87 7.78 -17.89 3.58
C LYS D 87 7.79 -17.51 2.07
N PRO D 88 6.76 -17.89 1.25
CA PRO D 88 6.77 -17.50 -0.18
C PRO D 88 6.93 -15.99 -0.45
N GLU D 89 6.49 -15.14 0.50
CA GLU D 89 6.61 -13.67 0.42
C GLU D 89 8.10 -13.22 0.39
N ASP D 90 8.99 -14.01 1.02
CA ASP D 90 10.43 -13.74 1.07
C ASP D 90 11.17 -13.90 -0.28
N THR D 91 10.47 -14.37 -1.34
CA THR D 91 11.04 -14.55 -2.68
C THR D 91 11.30 -13.19 -3.33
N ALA D 92 12.57 -12.79 -3.39
CA ALA D 92 13.06 -11.53 -3.97
C ALA D 92 14.58 -11.56 -4.21
N VAL D 93 15.12 -10.51 -4.85
CA VAL D 93 16.56 -10.33 -5.10
C VAL D 93 17.08 -9.51 -3.91
N TYR D 94 17.99 -10.10 -3.10
CA TYR D 94 18.52 -9.45 -1.90
C TYR D 94 19.81 -8.66 -2.17
N TYR D 95 19.76 -7.36 -1.86
CA TYR D 95 20.83 -6.39 -2.04
C TYR D 95 21.49 -5.99 -0.74
N CYS D 96 22.84 -6.00 -0.74
CA CYS D 96 23.67 -5.61 0.38
C CYS D 96 24.01 -4.13 0.21
N VAL D 97 23.68 -3.33 1.23
CA VAL D 97 23.88 -1.88 1.21
C VAL D 97 24.78 -1.40 2.35
N ALA D 98 25.46 -0.25 2.14
CA ALA D 98 26.37 0.35 3.13
C ALA D 98 26.46 1.85 3.03
N THR D 99 26.77 2.50 4.16
CA THR D 99 26.98 3.94 4.30
C THR D 99 27.95 4.22 5.46
N PRO D 100 29.01 5.04 5.23
CA PRO D 100 29.94 5.34 6.32
C PRO D 100 29.29 6.10 7.50
N TYR D 101 28.23 6.87 7.22
CA TYR D 101 27.50 7.62 8.25
C TYR D 101 25.97 7.61 8.02
N TYR D 102 25.23 7.95 9.08
CA TYR D 102 23.77 8.02 9.15
C TYR D 102 23.28 9.33 8.50
N ARG D 103 23.22 9.35 7.16
CA ARG D 103 22.80 10.52 6.37
C ARG D 103 21.27 10.69 6.26
N GLY D 104 20.55 9.62 6.57
CA GLY D 104 19.10 9.58 6.56
C GLY D 104 18.55 8.32 7.21
N SER D 105 17.28 7.99 6.93
CA SER D 105 16.61 6.82 7.48
C SER D 105 17.21 5.52 6.95
N TYR D 106 17.30 4.47 7.81
CA TYR D 106 17.81 3.16 7.44
C TYR D 106 16.90 2.49 6.42
N TYR D 107 15.58 2.81 6.48
CA TYR D 107 14.51 2.32 5.61
C TYR D 107 14.57 2.96 4.21
N ALA D 108 15.26 4.11 4.05
CA ALA D 108 15.41 4.86 2.79
C ALA D 108 16.65 4.43 2.01
N ALA D 109 16.46 4.07 0.74
CA ALA D 109 17.52 3.61 -0.16
C ALA D 109 18.57 4.68 -0.48
N SER D 110 18.15 5.96 -0.53
CA SER D 110 19.00 7.13 -0.81
C SER D 110 20.08 7.37 0.26
N THR D 111 19.94 6.69 1.41
CA THR D 111 20.83 6.85 2.53
C THR D 111 22.00 5.86 2.49
N TYR D 112 22.12 5.07 1.41
CA TYR D 112 23.23 4.14 1.21
C TYR D 112 23.99 4.50 -0.06
N THR D 113 25.29 4.77 0.10
CA THR D 113 26.20 5.18 -0.97
C THR D 113 26.86 3.98 -1.65
N TYR D 114 26.89 2.82 -0.97
CA TYR D 114 27.48 1.59 -1.49
C TYR D 114 26.39 0.55 -1.67
N TRP D 115 26.26 0.03 -2.91
CA TRP D 115 25.26 -0.97 -3.27
C TRP D 115 25.89 -2.19 -3.91
N GLY D 116 25.25 -3.34 -3.73
CA GLY D 116 25.69 -4.62 -4.29
C GLY D 116 24.91 -4.99 -5.54
N GLN D 117 25.41 -6.02 -6.26
CA GLN D 117 24.80 -6.53 -7.49
C GLN D 117 23.45 -7.23 -7.25
N GLY D 118 23.32 -7.85 -6.08
CA GLY D 118 22.12 -8.57 -5.68
C GLY D 118 22.22 -10.07 -5.90
N THR D 119 21.49 -10.84 -5.08
CA THR D 119 21.45 -12.31 -5.16
C THR D 119 19.99 -12.79 -5.12
N GLN D 120 19.64 -13.70 -6.06
CA GLN D 120 18.28 -14.25 -6.15
C GLN D 120 18.00 -15.25 -5.03
N VAL D 121 16.83 -15.09 -4.40
CA VAL D 121 16.33 -15.97 -3.34
C VAL D 121 14.93 -16.44 -3.75
N THR D 122 14.76 -17.77 -3.88
CA THR D 122 13.50 -18.38 -4.29
C THR D 122 12.99 -19.36 -3.23
N VAL D 123 11.70 -19.23 -2.86
CA VAL D 123 11.04 -20.09 -1.87
C VAL D 123 9.94 -20.91 -2.53
#